data_6PVS
#
_entry.id   6PVS
#
_cell.length_a   46.230
_cell.length_b   62.530
_cell.length_c   108.359
_cell.angle_alpha   82.720
_cell.angle_beta   82.480
_cell.angle_gamma   68.340
#
_symmetry.space_group_name_H-M   'P 1'
#
loop_
_entity.id
_entity.type
_entity.pdbx_description
1 polymer 'NNMT protein'
2 non-polymer 9-(5-{[(3R)-3-amino-3-carboxypropyl][3-(3-carbamoylphenyl)prop-2-yn-1-yl]amino}-5-deoxy-alpha-D-lyxofuranosyl)-9H-purin-6-amine
3 water water
#
_entity_poly.entity_id   1
_entity_poly.type   'polypeptide(L)'
_entity_poly.pdbx_seq_one_letter_code
;MGSSHHHHHHSSGLVPRGSMESGFTSKDTYLSHFNPRDYLEKYYKFGSRHSAESQILKHLLKNLFKIFCLDGVKGDLLID
IGSGPTIYQLLSACESFKEIVVTDYSDQNLQELEKWLKAAPAAFDWSPVVTYVCDLEGNRVKGPEKEEKLRQAVKQVLKC
DVTQSQPLGAVPLPPADCVLSTLCLDAACPDLPTYCRALRNLGSLLKPGGFLVIMDALKSSYYMIGEQKFSSLPLGREAV
EAAVKEAGYTIEWFEVISQSYSSTMANNEGLFSLVARKLSRPL
;
_entity_poly.pdbx_strand_id   A,B,C,D
#
loop_
_chem_comp.id
_chem_comp.type
_chem_comp.name
_chem_comp.formula
P0V non-polymer 9-(5-{[(3R)-3-amino-3-carboxypropyl][3-(3-carbamoylphenyl)prop-2-yn-1-yl]amino}-5-deoxy-alpha-D-lyxofuranosyl)-9H-purin-6-amine 'C24 H28 N8 O6'
#
# COMPACT_ATOMS: atom_id res chain seq x y z
N HIS A 10 16.99 -10.68 26.08
CA HIS A 10 17.00 -9.24 26.31
C HIS A 10 17.80 -8.89 27.56
N SER A 11 18.23 -7.63 27.66
CA SER A 11 19.15 -7.20 28.70
C SER A 11 18.43 -6.77 29.98
N SER A 12 17.41 -5.92 29.87
CA SER A 12 16.63 -5.50 31.04
C SER A 12 17.38 -4.48 31.89
N GLY A 13 17.71 -3.33 31.30
CA GLY A 13 18.33 -2.25 32.06
C GLY A 13 19.82 -2.41 32.29
N LEU A 14 20.26 -3.67 32.43
CA LEU A 14 21.67 -3.97 32.70
C LEU A 14 22.60 -3.26 31.71
N VAL A 15 22.29 -3.38 30.42
CA VAL A 15 22.94 -2.58 29.38
C VAL A 15 21.86 -2.09 28.43
N PRO A 16 22.18 -1.07 27.64
CA PRO A 16 21.20 -0.56 26.67
C PRO A 16 20.57 -1.69 25.86
N ARG A 17 19.28 -1.58 25.60
CA ARG A 17 18.62 -2.57 24.76
C ARG A 17 19.29 -2.62 23.39
N GLY A 18 19.16 -3.77 22.73
CA GLY A 18 19.75 -3.94 21.42
C GLY A 18 21.26 -3.84 21.39
N SER A 19 21.94 -4.12 22.50
CA SER A 19 23.38 -3.92 22.57
C SER A 19 24.13 -5.04 23.30
N MET A 20 23.46 -6.11 23.74
CA MET A 20 24.18 -7.15 24.47
C MET A 20 25.36 -7.69 23.68
N GLU A 21 25.29 -7.63 22.35
CA GLU A 21 26.30 -8.27 21.49
C GLU A 21 27.44 -7.33 21.14
N SER A 22 27.14 -6.27 20.40
CA SER A 22 28.18 -5.33 19.96
C SER A 22 28.58 -4.36 21.05
N GLY A 23 27.73 -4.17 22.06
CA GLY A 23 27.91 -3.12 23.03
C GLY A 23 27.18 -1.83 22.71
N PHE A 24 26.62 -1.69 21.52
CA PHE A 24 25.92 -0.48 21.13
C PHE A 24 24.56 -0.81 20.52
N THR A 25 23.52 -0.09 20.94
CA THR A 25 22.17 -0.35 20.45
C THR A 25 22.17 -0.41 18.93
N SER A 26 21.68 -1.53 18.41
CA SER A 26 21.58 -1.74 16.98
C SER A 26 20.58 -0.76 16.36
N LYS A 27 20.81 -0.41 15.08
CA LYS A 27 19.87 0.50 14.44
C LYS A 27 18.52 -0.17 14.21
N ASP A 28 18.48 -1.50 14.10
CA ASP A 28 17.18 -2.16 14.03
C ASP A 28 16.40 -1.97 15.32
N THR A 29 17.08 -1.64 16.41
CA THR A 29 16.40 -1.38 17.67
C THR A 29 15.60 -0.08 17.64
N TYR A 30 15.99 0.86 16.76
CA TYR A 30 15.21 2.07 16.59
C TYR A 30 13.90 1.82 15.83
N LEU A 31 13.82 0.76 15.04
CA LEU A 31 12.55 0.34 14.46
C LEU A 31 11.73 -0.56 15.37
N SER A 32 12.34 -1.13 16.41
CA SER A 32 11.64 -2.08 17.27
C SER A 32 11.01 -1.38 18.48
N HIS A 33 11.83 -0.71 19.28
CA HIS A 33 11.44 -0.32 20.64
C HIS A 33 11.46 1.18 20.87
N PHE A 34 11.65 1.99 19.83
CA PHE A 34 11.60 3.45 19.97
C PHE A 34 10.18 3.94 19.69
N ASN A 35 9.45 4.29 20.74
CA ASN A 35 8.10 4.82 20.62
C ASN A 35 8.17 6.34 20.61
N PRO A 36 7.99 7.00 19.46
CA PRO A 36 8.11 8.47 19.47
C PRO A 36 7.16 9.16 20.42
N ARG A 37 5.93 8.66 20.58
CA ARG A 37 5.00 9.38 21.44
C ARG A 37 5.42 9.33 22.91
N ASP A 38 6.05 8.23 23.34
CA ASP A 38 6.63 8.21 24.68
C ASP A 38 7.80 9.18 24.77
N TYR A 39 8.63 9.22 23.73
CA TYR A 39 9.77 10.13 23.73
C TYR A 39 9.32 11.58 23.84
N LEU A 40 8.36 11.98 23.01
CA LEU A 40 7.92 13.37 23.03
C LEU A 40 7.43 13.78 24.40
N GLU A 41 6.64 12.94 25.05
CA GLU A 41 6.08 13.28 26.34
C GLU A 41 7.12 13.23 27.45
N LYS A 42 8.19 12.46 27.28
CA LYS A 42 9.15 12.34 28.37
C LYS A 42 10.18 13.47 28.31
N TYR A 43 10.44 14.04 27.13
CA TYR A 43 11.46 15.07 26.98
C TYR A 43 10.92 16.43 26.55
N TYR A 44 9.73 16.50 25.95
CA TYR A 44 9.24 17.75 25.38
C TYR A 44 7.83 18.11 25.87
N LYS A 45 7.40 17.59 27.02
CA LYS A 45 6.13 18.03 27.58
C LYS A 45 6.12 19.54 27.74
N PHE A 46 7.18 20.10 28.33
CA PHE A 46 7.24 21.54 28.57
C PHE A 46 6.08 21.96 29.47
N GLY A 47 5.57 21.01 30.25
CA GLY A 47 4.40 21.26 31.09
C GLY A 47 4.76 22.12 32.29
N SER A 48 5.76 21.68 33.05
CA SER A 48 6.45 22.56 33.97
C SER A 48 7.73 23.01 33.28
N ARG A 49 7.98 24.32 33.32
CA ARG A 49 9.14 24.88 32.64
C ARG A 49 10.43 24.60 33.41
N HIS A 50 10.33 24.24 34.69
CA HIS A 50 11.48 24.01 35.55
C HIS A 50 11.82 22.53 35.73
N SER A 51 11.45 21.69 34.77
CA SER A 51 12.06 20.37 34.70
C SER A 51 13.48 20.49 34.16
N ALA A 52 14.30 19.49 34.45
CA ALA A 52 15.61 19.44 33.82
C ALA A 52 15.46 19.42 32.30
N GLU A 53 14.42 18.71 31.82
CA GLU A 53 14.18 18.61 30.39
C GLU A 53 13.88 19.97 29.78
N SER A 54 13.13 20.82 30.50
CA SER A 54 12.73 22.10 29.96
C SER A 54 13.90 23.08 29.89
N GLN A 55 14.75 23.10 30.92
CA GLN A 55 15.88 24.01 30.91
C GLN A 55 16.81 23.69 29.74
N ILE A 56 17.10 22.41 29.50
CA ILE A 56 17.91 22.05 28.35
C ILE A 56 17.22 22.52 27.07
N LEU A 57 15.93 22.20 26.90
CA LEU A 57 15.24 22.61 25.69
C LEU A 57 15.28 24.12 25.48
N LYS A 58 15.08 24.93 26.52
CA LYS A 58 15.15 26.36 26.33
C LYS A 58 16.51 26.79 25.79
N HIS A 59 17.59 26.18 26.31
CA HIS A 59 18.92 26.50 25.80
C HIS A 59 19.09 26.09 24.34
N LEU A 60 18.68 24.87 23.99
CA LEU A 60 18.66 24.50 22.58
C LEU A 60 17.95 25.57 21.77
N LEU A 61 16.76 25.97 22.21
CA LEU A 61 15.99 26.96 21.48
C LEU A 61 16.71 28.30 21.40
N LYS A 62 17.35 28.73 22.49
CA LYS A 62 18.09 29.99 22.43
C LYS A 62 19.28 29.91 21.49
N ASN A 63 20.03 28.80 21.53
CA ASN A 63 21.14 28.66 20.60
C ASN A 63 20.66 28.67 19.16
N LEU A 64 19.60 27.90 18.86
CA LEU A 64 19.05 27.90 17.52
C LEU A 64 18.60 29.30 17.11
N PHE A 65 17.92 30.00 18.03
CA PHE A 65 17.51 31.38 17.75
C PHE A 65 18.69 32.26 17.41
N LYS A 66 19.76 32.22 18.21
CA LYS A 66 20.91 33.07 17.91
C LYS A 66 21.59 32.64 16.61
N ILE A 67 21.76 31.33 16.41
CA ILE A 67 22.42 30.86 15.20
C ILE A 67 21.66 31.31 13.96
N PHE A 68 20.34 31.15 13.97
CA PHE A 68 19.58 31.33 12.74
C PHE A 68 18.95 32.71 12.60
N CYS A 69 18.85 33.50 13.68
CA CYS A 69 18.16 34.78 13.61
C CYS A 69 19.04 35.98 13.89
N LEU A 70 20.22 35.81 14.47
CA LEU A 70 21.16 36.91 14.66
C LEU A 70 22.49 36.71 13.97
N ASP A 71 22.96 35.47 13.92
CA ASP A 71 24.14 35.14 13.12
C ASP A 71 23.71 35.07 11.65
N GLY A 72 24.68 34.85 10.78
CA GLY A 72 24.36 34.83 9.35
C GLY A 72 23.45 33.69 8.98
N VAL A 73 23.72 32.48 9.51
CA VAL A 73 23.30 31.22 8.90
C VAL A 73 21.87 31.33 8.37
N LYS A 74 21.75 31.19 7.05
CA LYS A 74 20.54 31.39 6.28
C LYS A 74 20.83 30.83 4.90
N GLY A 75 19.79 30.69 4.07
CA GLY A 75 20.07 30.24 2.72
C GLY A 75 18.82 29.67 2.06
N ASP A 76 19.05 28.76 1.10
CA ASP A 76 17.94 28.15 0.39
C ASP A 76 17.49 26.85 1.03
N LEU A 77 18.40 25.91 1.27
CA LEU A 77 18.04 24.61 1.83
C LEU A 77 18.79 24.37 3.12
N LEU A 78 18.07 23.93 4.15
CA LEU A 78 18.68 23.37 5.35
C LEU A 78 18.13 21.96 5.51
N ILE A 79 19.03 21.00 5.67
CA ILE A 79 18.68 19.61 5.89
C ILE A 79 18.92 19.30 7.35
N ASP A 80 17.86 18.89 8.06
CA ASP A 80 17.97 18.41 9.43
C ASP A 80 18.15 16.90 9.44
N ILE A 81 19.14 16.44 10.20
CA ILE A 81 19.52 15.04 10.28
C ILE A 81 19.06 14.49 11.62
N GLY A 82 18.49 13.28 11.60
CA GLY A 82 18.00 12.67 12.82
C GLY A 82 16.89 13.44 13.50
N SER A 83 15.92 13.93 12.73
CA SER A 83 14.85 14.77 13.28
C SER A 83 14.09 14.07 14.39
N GLY A 84 14.12 12.74 14.43
CA GLY A 84 13.25 12.01 15.31
C GLY A 84 11.82 12.43 15.01
N PRO A 85 11.01 12.55 16.05
CA PRO A 85 9.67 13.10 15.87
C PRO A 85 9.52 14.54 16.38
N THR A 86 10.61 15.31 16.44
CA THR A 86 10.60 16.65 17.00
C THR A 86 10.70 17.70 15.90
N ILE A 87 10.19 18.90 16.21
CA ILE A 87 10.16 20.02 15.29
C ILE A 87 10.67 21.31 15.92
N TYR A 88 10.96 21.28 17.22
CA TYR A 88 11.43 22.49 17.90
C TYR A 88 12.72 23.01 17.25
N GLN A 89 13.64 22.12 16.86
CA GLN A 89 14.91 22.63 16.36
C GLN A 89 14.76 23.40 15.06
N LEU A 90 13.56 23.47 14.49
CA LEU A 90 13.37 24.05 13.18
C LEU A 90 12.55 25.34 13.21
N LEU A 91 12.09 25.77 14.38
CA LEU A 91 11.18 26.91 14.42
C LEU A 91 11.91 28.22 14.07
N SER A 92 13.05 28.47 14.72
CA SER A 92 13.87 29.61 14.32
C SER A 92 14.51 29.39 12.95
N ALA A 93 14.75 28.12 12.57
CA ALA A 93 15.42 27.85 11.31
C ALA A 93 14.52 28.15 10.12
N CYS A 94 13.21 27.92 10.26
CA CYS A 94 12.28 28.18 9.18
C CYS A 94 12.16 29.68 8.90
N GLU A 95 12.73 30.52 9.75
CA GLU A 95 12.76 31.95 9.47
C GLU A 95 13.86 32.34 8.49
N SER A 96 14.88 31.49 8.32
CA SER A 96 16.05 31.86 7.53
C SER A 96 16.32 30.95 6.33
N PHE A 97 15.56 29.87 6.17
CA PHE A 97 15.80 28.93 5.08
C PHE A 97 14.49 28.77 4.31
N LYS A 98 14.57 28.87 2.98
CA LYS A 98 13.36 28.79 2.20
C LYS A 98 12.77 27.39 2.26
N GLU A 99 13.62 26.38 2.35
CA GLU A 99 13.18 24.99 2.36
C GLU A 99 13.94 24.19 3.41
N ILE A 100 13.21 23.35 4.14
CA ILE A 100 13.76 22.47 5.16
C ILE A 100 13.37 21.04 4.81
N VAL A 101 14.35 20.13 4.84
CA VAL A 101 14.11 18.70 4.64
C VAL A 101 14.52 18.00 5.92
N VAL A 102 13.54 17.40 6.59
CA VAL A 102 13.77 16.68 7.86
C VAL A 102 13.85 15.20 7.58
N THR A 103 14.83 14.54 8.21
CA THR A 103 15.11 13.13 7.97
C THR A 103 15.17 12.37 9.28
N ASP A 104 15.18 11.04 9.16
CA ASP A 104 15.32 10.14 10.30
C ASP A 104 15.48 8.73 9.75
N TYR A 105 16.04 7.84 10.57
CA TYR A 105 16.13 6.43 10.21
C TYR A 105 14.88 5.62 10.57
N SER A 106 14.17 6.02 11.62
CA SER A 106 13.16 5.17 12.23
C SER A 106 11.80 5.58 11.71
N ASP A 107 11.12 4.65 11.03
CA ASP A 107 9.85 4.98 10.40
C ASP A 107 8.82 5.47 11.41
N GLN A 108 8.90 4.98 12.65
CA GLN A 108 7.96 5.43 13.67
C GLN A 108 8.09 6.92 13.94
N ASN A 109 9.31 7.46 13.86
CA ASN A 109 9.47 8.87 14.16
C ASN A 109 8.99 9.75 13.01
N LEU A 110 9.24 9.37 11.76
CA LEU A 110 8.83 10.28 10.70
C LEU A 110 7.32 10.23 10.45
N GLN A 111 6.62 9.14 10.84
CA GLN A 111 5.17 9.18 10.75
C GLN A 111 4.57 10.04 11.85
N GLU A 112 5.13 9.96 13.05
CA GLU A 112 4.68 10.86 14.09
C GLU A 112 4.97 12.31 13.69
N LEU A 113 6.04 12.50 12.91
CA LEU A 113 6.30 13.79 12.27
C LEU A 113 5.27 14.08 11.19
N GLU A 114 5.08 13.14 10.26
CA GLU A 114 4.13 13.38 9.17
C GLU A 114 2.73 13.70 9.71
N LYS A 115 2.34 13.11 10.84
CA LYS A 115 1.08 13.51 11.45
C LYS A 115 1.07 15.00 11.81
N TRP A 116 2.21 15.54 12.25
CA TRP A 116 2.23 16.93 12.73
C TRP A 116 2.19 17.96 11.61
N LEU A 117 2.73 17.66 10.43
CA LEU A 117 2.65 18.64 9.34
C LEU A 117 1.23 18.77 8.81
N LYS A 118 0.46 17.68 8.83
CA LYS A 118 -0.96 17.78 8.52
C LYS A 118 -1.72 18.50 9.62
N ALA A 119 -1.10 18.71 10.79
CA ALA A 119 -1.82 19.22 11.94
C ALA A 119 -2.95 18.26 12.27
N ALA A 120 -2.66 16.96 12.14
CA ALA A 120 -3.65 15.94 12.44
C ALA A 120 -3.91 15.90 13.95
N PRO A 121 -5.17 15.76 14.35
CA PRO A 121 -5.52 15.92 15.78
C PRO A 121 -4.79 14.97 16.70
N ALA A 122 -4.45 13.77 16.24
CA ALA A 122 -3.74 12.83 17.11
C ALA A 122 -2.34 13.32 17.41
N ALA A 123 -1.84 14.29 16.63
CA ALA A 123 -0.47 14.75 16.71
C ALA A 123 -0.09 15.21 18.11
N PHE A 124 1.23 15.30 18.32
CA PHE A 124 1.78 15.93 19.50
C PHE A 124 1.56 17.44 19.42
N ASP A 125 1.37 18.06 20.58
CA ASP A 125 1.13 19.51 20.66
C ASP A 125 2.42 20.22 21.04
N TRP A 126 3.02 20.91 20.07
CA TRP A 126 4.15 21.80 20.31
C TRP A 126 3.70 23.23 20.63
N SER A 127 2.41 23.42 20.98
CA SER A 127 1.82 24.73 21.24
C SER A 127 2.70 25.63 22.10
N PRO A 128 3.04 25.24 23.33
CA PRO A 128 3.86 26.14 24.17
C PRO A 128 5.28 26.32 23.67
N VAL A 129 5.90 25.26 23.14
CA VAL A 129 7.25 25.39 22.60
C VAL A 129 7.26 26.38 21.44
N VAL A 130 6.24 26.34 20.60
CA VAL A 130 6.13 27.30 19.51
C VAL A 130 6.03 28.71 20.09
N THR A 131 5.27 28.84 21.17
CA THR A 131 5.06 30.13 21.82
C THR A 131 6.37 30.71 22.35
N TYR A 132 7.20 29.87 22.99
CA TYR A 132 8.45 30.36 23.56
C TYR A 132 9.42 30.85 22.49
N VAL A 133 9.37 30.27 21.29
CA VAL A 133 10.23 30.74 20.20
C VAL A 133 9.72 32.05 19.62
N CYS A 134 8.40 32.26 19.60
CA CYS A 134 7.83 33.49 19.08
C CYS A 134 8.24 34.72 19.91
N ASP A 135 8.19 34.61 21.24
CA ASP A 135 8.61 35.74 22.07
C ASP A 135 10.10 36.02 21.90
N LEU A 136 10.91 34.97 21.75
CA LEU A 136 12.33 35.17 21.46
C LEU A 136 12.50 36.01 20.20
N GLU A 137 11.68 35.74 19.18
CA GLU A 137 11.80 36.38 17.89
C GLU A 137 11.05 37.71 17.82
N GLY A 138 10.71 38.26 18.97
CA GLY A 138 10.12 39.59 19.08
C GLY A 138 8.62 39.66 19.05
N ASN A 139 7.91 38.53 18.98
CA ASN A 139 6.45 38.53 18.93
C ASN A 139 5.91 39.19 17.67
N ARG A 140 6.67 39.15 16.57
CA ARG A 140 6.12 39.58 15.29
C ARG A 140 4.84 38.82 14.97
N VAL A 141 4.80 37.54 15.32
CA VAL A 141 3.67 36.66 15.06
C VAL A 141 3.25 36.00 16.38
N LYS A 142 2.10 35.35 16.36
CA LYS A 142 1.75 34.42 17.43
C LYS A 142 1.87 32.99 16.94
N GLY A 143 1.64 32.06 17.86
CA GLY A 143 1.89 30.65 17.64
C GLY A 143 1.40 30.14 16.31
N PRO A 144 0.07 30.13 16.13
CA PRO A 144 -0.52 29.46 14.96
C PRO A 144 0.13 29.84 13.63
N GLU A 145 0.47 31.11 13.44
CA GLU A 145 1.12 31.53 12.21
C GLU A 145 2.56 31.00 12.14
N LYS A 146 3.26 31.00 13.28
CA LYS A 146 4.60 30.42 13.30
C LYS A 146 4.55 28.96 12.86
N GLU A 147 3.65 28.16 13.46
CA GLU A 147 3.49 26.77 13.04
C GLU A 147 3.17 26.67 11.56
N GLU A 148 2.31 27.56 11.05
CA GLU A 148 1.98 27.52 9.62
C GLU A 148 3.14 27.99 8.76
N LYS A 149 3.97 28.91 9.26
CA LYS A 149 5.18 29.24 8.50
C LYS A 149 6.09 28.02 8.41
N LEU A 150 6.25 27.31 9.53
CA LEU A 150 7.09 26.12 9.55
C LEU A 150 6.52 25.03 8.64
N ARG A 151 5.22 24.77 8.71
CA ARG A 151 4.65 23.66 7.95
C ARG A 151 4.84 23.82 6.45
N GLN A 152 4.74 25.04 5.92
CA GLN A 152 4.97 25.17 4.48
C GLN A 152 6.44 24.98 4.14
N ALA A 153 7.34 25.33 5.07
CA ALA A 153 8.77 25.23 4.78
C ALA A 153 9.22 23.77 4.70
N VAL A 154 8.73 22.92 5.61
CA VAL A 154 9.11 21.51 5.56
C VAL A 154 8.59 20.93 4.25
N LYS A 155 9.49 20.66 3.31
CA LYS A 155 9.11 20.24 1.99
C LYS A 155 9.39 18.77 1.70
N GLN A 156 10.04 18.06 2.62
CA GLN A 156 10.21 16.63 2.41
C GLN A 156 10.45 15.91 3.73
N VAL A 157 10.04 14.64 3.74
CA VAL A 157 10.22 13.73 4.86
C VAL A 157 10.89 12.49 4.29
N LEU A 158 12.17 12.30 4.58
CA LEU A 158 12.97 11.27 3.94
C LEU A 158 13.53 10.27 4.94
N LYS A 159 13.65 9.02 4.51
CA LYS A 159 14.39 8.04 5.28
C LYS A 159 15.88 8.34 5.20
N CYS A 160 16.57 8.26 6.34
CA CYS A 160 17.93 8.74 6.44
C CYS A 160 18.75 7.76 7.27
N ASP A 161 20.05 7.71 6.99
CA ASP A 161 20.96 6.87 7.75
C ASP A 161 22.35 7.48 7.67
N VAL A 162 22.83 8.03 8.79
CA VAL A 162 24.09 8.74 8.82
C VAL A 162 25.30 7.84 8.61
N THR A 163 25.13 6.53 8.72
CA THR A 163 26.21 5.55 8.60
C THR A 163 26.46 5.10 7.15
N GLN A 164 25.77 5.67 6.17
CA GLN A 164 25.92 5.25 4.78
C GLN A 164 26.66 6.29 3.95
N SER A 165 27.38 5.79 2.94
CA SER A 165 28.08 6.67 2.00
C SER A 165 27.15 7.76 1.49
N GLN A 166 25.93 7.36 1.13
CA GLN A 166 24.84 8.30 0.87
C GLN A 166 23.85 8.24 2.03
N PRO A 167 23.94 9.15 3.00
CA PRO A 167 23.04 9.05 4.16
C PRO A 167 21.57 9.01 3.76
N LEU A 168 21.19 9.78 2.75
CA LEU A 168 19.80 9.86 2.30
C LEU A 168 19.50 8.91 1.14
N GLY A 169 20.34 7.91 0.92
CA GLY A 169 20.02 6.91 -0.08
C GLY A 169 20.16 7.45 -1.49
N ALA A 170 19.15 7.20 -2.31
CA ALA A 170 19.14 7.59 -3.72
C ALA A 170 18.36 8.87 -4.00
N VAL A 171 17.74 9.48 -2.99
CA VAL A 171 16.92 10.68 -3.18
C VAL A 171 17.79 11.85 -3.64
N PRO A 172 17.51 12.45 -4.80
CA PRO A 172 18.33 13.58 -5.24
C PRO A 172 17.91 14.87 -4.55
N LEU A 173 18.90 15.67 -4.18
CA LEU A 173 18.68 16.99 -3.60
C LEU A 173 19.82 17.89 -4.05
N PRO A 174 19.57 19.19 -4.17
CA PRO A 174 20.68 20.12 -4.37
C PRO A 174 21.55 20.20 -3.12
N PRO A 175 22.82 20.56 -3.27
CA PRO A 175 23.67 20.75 -2.10
C PRO A 175 23.04 21.71 -1.10
N ALA A 176 23.05 21.32 0.17
CA ALA A 176 22.43 22.12 1.22
C ALA A 176 23.28 23.36 1.56
N ASP A 177 22.58 24.45 1.90
CA ASP A 177 23.26 25.60 2.49
C ASP A 177 23.67 25.33 3.93
N CYS A 178 23.00 24.39 4.60
CA CYS A 178 23.28 24.03 5.98
C CYS A 178 22.84 22.60 6.25
N VAL A 179 23.52 21.96 7.19
CA VAL A 179 23.07 20.69 7.78
C VAL A 179 23.02 20.86 9.28
N LEU A 180 21.92 20.42 9.90
CA LEU A 180 21.71 20.48 11.33
C LEU A 180 21.40 19.09 11.86
N SER A 181 21.75 18.85 13.12
CA SER A 181 21.49 17.56 13.76
C SER A 181 21.50 17.74 15.27
N THR A 182 20.35 17.53 15.91
CA THR A 182 20.21 17.68 17.36
C THR A 182 20.00 16.31 18.00
N LEU A 183 20.86 15.97 18.95
CA LEU A 183 20.74 14.78 19.79
C LEU A 183 20.80 13.49 19.00
N CYS A 184 21.35 13.51 17.79
CA CYS A 184 21.34 12.31 16.96
C CYS A 184 22.67 11.57 16.95
N LEU A 185 23.77 12.27 16.62
CA LEU A 185 25.02 11.59 16.29
C LEU A 185 25.50 10.73 17.46
N ASP A 186 25.42 11.25 18.68
CA ASP A 186 25.72 10.43 19.85
C ASP A 186 24.87 9.17 19.83
N ALA A 187 23.63 9.30 19.36
CA ALA A 187 22.70 8.18 19.30
C ALA A 187 22.98 7.27 18.11
N ALA A 188 23.49 7.82 17.02
CA ALA A 188 23.61 7.08 15.77
C ALA A 188 24.95 6.36 15.60
N CYS A 189 26.01 6.81 16.28
CA CYS A 189 27.36 6.33 16.01
C CYS A 189 27.92 5.53 17.18
N PRO A 190 28.22 4.23 17.01
CA PRO A 190 28.71 3.44 18.13
C PRO A 190 30.16 3.70 18.52
N ASP A 191 30.96 4.35 17.68
CA ASP A 191 32.36 4.58 18.00
C ASP A 191 32.85 5.85 17.32
N LEU A 192 34.10 6.21 17.61
CA LEU A 192 34.68 7.44 17.10
C LEU A 192 34.91 7.33 15.59
N PRO A 193 35.38 6.19 15.08
CA PRO A 193 35.48 6.07 13.62
C PRO A 193 34.13 6.10 12.93
N THR A 194 33.11 5.45 13.50
CA THR A 194 31.76 5.58 12.96
C THR A 194 31.27 7.02 13.06
N TYR A 195 31.54 7.67 14.20
CA TYR A 195 31.16 9.07 14.38
C TYR A 195 31.80 9.94 13.30
N CYS A 196 33.12 9.82 13.15
CA CYS A 196 33.82 10.67 12.18
C CYS A 196 33.36 10.40 10.76
N ARG A 197 33.06 9.16 10.43
CA ARG A 197 32.59 8.86 9.09
C ARG A 197 31.23 9.50 8.80
N ALA A 198 30.36 9.56 9.80
CA ALA A 198 29.03 10.12 9.56
C ALA A 198 29.12 11.61 9.25
N LEU A 199 30.00 12.33 9.94
CA LEU A 199 30.17 13.75 9.63
C LEU A 199 30.78 13.97 8.25
N ARG A 200 31.55 13.00 7.72
CA ARG A 200 31.92 13.13 6.31
C ARG A 200 30.77 12.73 5.40
N ASN A 201 30.01 11.69 5.76
CA ASN A 201 28.82 11.38 4.99
C ASN A 201 27.88 12.59 4.93
N LEU A 202 27.69 13.27 6.06
CA LEU A 202 26.84 14.45 6.06
C LEU A 202 27.40 15.56 5.18
N GLY A 203 28.72 15.76 5.19
CA GLY A 203 29.31 16.71 4.27
C GLY A 203 29.00 16.39 2.81
N SER A 204 28.68 15.13 2.52
CA SER A 204 28.27 14.74 1.19
C SER A 204 27.05 15.50 0.71
N LEU A 205 26.27 16.08 1.63
CA LEU A 205 25.07 16.82 1.28
C LEU A 205 25.26 18.34 1.33
N LEU A 206 26.46 18.83 1.68
CA LEU A 206 26.70 20.25 1.90
C LEU A 206 27.49 20.86 0.74
N LYS A 207 27.08 22.05 0.32
CA LYS A 207 27.90 22.85 -0.58
C LYS A 207 29.20 23.23 0.11
N PRO A 208 30.25 23.51 -0.67
CA PRO A 208 31.48 24.04 -0.07
C PRO A 208 31.21 25.37 0.60
N GLY A 209 31.80 25.56 1.78
CA GLY A 209 31.51 26.72 2.59
C GLY A 209 30.15 26.70 3.27
N GLY A 210 29.45 25.57 3.23
CA GLY A 210 28.20 25.45 3.94
C GLY A 210 28.40 25.34 5.45
N PHE A 211 27.29 25.38 6.16
CA PHE A 211 27.27 25.37 7.62
C PHE A 211 26.83 24.01 8.14
N LEU A 212 27.59 23.49 9.09
CA LEU A 212 27.22 22.30 9.85
C LEU A 212 26.91 22.74 11.28
N VAL A 213 25.71 22.43 11.75
CA VAL A 213 25.26 22.85 13.07
C VAL A 213 24.92 21.60 13.87
N ILE A 214 25.73 21.30 14.89
CA ILE A 214 25.52 20.14 15.75
C ILE A 214 25.37 20.58 17.20
N MET A 215 24.39 19.99 17.87
CA MET A 215 24.19 20.09 19.31
C MET A 215 23.96 18.68 19.83
N ASP A 216 24.69 18.28 20.87
CA ASP A 216 24.59 16.90 21.36
C ASP A 216 25.03 16.84 22.83
N ALA A 217 25.10 15.62 23.37
CA ALA A 217 25.41 15.39 24.77
C ALA A 217 26.89 15.01 24.95
N LEU A 218 27.44 15.37 26.11
CA LEU A 218 28.83 15.11 26.44
C LEU A 218 28.94 13.99 27.47
N LYS A 219 29.92 13.11 27.26
CA LYS A 219 30.21 12.02 28.19
C LYS A 219 28.93 11.34 28.66
N SER A 220 28.09 10.98 27.69
CA SER A 220 26.83 10.31 27.94
C SER A 220 26.89 8.93 27.31
N SER A 221 26.77 7.89 28.14
CA SER A 221 26.79 6.51 27.70
C SER A 221 25.39 5.94 27.45
N TYR A 222 24.35 6.63 27.89
CA TYR A 222 22.97 6.18 27.67
C TYR A 222 22.01 7.35 27.86
N TYR A 223 20.83 7.19 27.27
CA TYR A 223 19.67 7.99 27.62
C TYR A 223 18.48 7.06 27.71
N MET A 224 17.50 7.43 28.51
CA MET A 224 16.35 6.60 28.79
C MET A 224 15.11 7.21 28.16
N ILE A 225 14.20 6.37 27.72
CA ILE A 225 12.83 6.78 27.43
C ILE A 225 11.96 5.85 28.27
N GLY A 226 11.55 6.34 29.43
CA GLY A 226 11.00 5.51 30.49
C GLY A 226 12.02 4.52 31.02
N GLU A 227 11.74 3.22 30.89
CA GLU A 227 12.67 2.20 31.36
C GLU A 227 13.43 1.49 30.25
N GLN A 228 13.21 1.85 28.99
CA GLN A 228 13.96 1.27 27.88
C GLN A 228 15.21 2.13 27.70
N LYS A 229 16.37 1.47 27.73
CA LYS A 229 17.67 2.15 27.77
C LYS A 229 18.38 2.05 26.43
N PHE A 230 18.76 3.19 25.87
CA PHE A 230 19.45 3.27 24.60
C PHE A 230 20.89 3.76 24.78
N SER A 231 21.77 3.32 23.89
CA SER A 231 23.19 3.64 23.96
C SER A 231 23.48 5.05 23.49
N SER A 232 24.49 5.66 24.10
CA SER A 232 24.99 6.96 23.69
C SER A 232 26.51 6.93 23.71
N LEU A 233 27.13 7.50 22.68
CA LEU A 233 28.59 7.61 22.60
C LEU A 233 29.11 8.66 23.57
N PRO A 234 29.76 8.29 24.68
CA PRO A 234 30.32 9.30 25.58
C PRO A 234 31.56 9.97 24.98
N LEU A 235 31.35 11.16 24.42
CA LEU A 235 32.40 11.96 23.81
C LEU A 235 32.69 13.18 24.66
N GLY A 236 33.97 13.57 24.75
CA GLY A 236 34.33 14.84 25.35
C GLY A 236 34.47 15.92 24.28
N ARG A 237 34.52 17.17 24.74
CA ARG A 237 34.65 18.29 23.80
C ARG A 237 35.76 18.04 22.80
N GLU A 238 36.94 17.66 23.28
CA GLU A 238 38.06 17.52 22.34
C GLU A 238 37.85 16.32 21.42
N ALA A 239 37.22 15.26 21.90
CA ALA A 239 36.88 14.16 20.99
C ALA A 239 35.97 14.68 19.88
N VAL A 240 34.95 15.46 20.25
CA VAL A 240 34.05 16.04 19.25
C VAL A 240 34.77 17.09 18.42
N GLU A 241 35.50 17.98 19.10
CA GLU A 241 36.28 19.02 18.41
C GLU A 241 37.20 18.41 17.36
N ALA A 242 37.89 17.33 17.71
CA ALA A 242 38.82 16.68 16.78
C ALA A 242 38.09 15.86 15.72
N ALA A 243 37.07 15.10 16.12
CA ALA A 243 36.31 14.29 15.17
C ALA A 243 35.77 15.15 14.04
N VAL A 244 35.29 16.34 14.39
CA VAL A 244 34.73 17.24 13.37
C VAL A 244 35.87 17.79 12.51
N LYS A 245 37.00 18.09 13.09
CA LYS A 245 38.11 18.65 12.35
C LYS A 245 38.64 17.65 11.32
N GLU A 246 38.66 16.36 11.66
CA GLU A 246 39.14 15.34 10.75
C GLU A 246 38.09 14.92 9.72
N ALA A 247 36.80 15.28 9.93
CA ALA A 247 35.78 15.07 8.91
C ALA A 247 35.88 16.05 7.76
N GLY A 248 36.65 17.12 7.92
CA GLY A 248 36.81 18.11 6.88
C GLY A 248 36.03 19.39 7.07
N TYR A 249 35.84 19.81 8.32
CA TYR A 249 35.17 21.07 8.64
C TYR A 249 36.11 21.96 9.43
N THR A 250 35.77 23.24 9.49
CA THR A 250 36.39 24.16 10.44
C THR A 250 35.30 24.71 11.35
N ILE A 251 35.62 24.78 12.64
CA ILE A 251 34.67 25.10 13.70
C ILE A 251 34.68 26.61 13.92
N GLU A 252 33.58 27.27 13.65
CA GLU A 252 33.49 28.73 13.80
C GLU A 252 33.09 29.13 15.22
N TRP A 253 32.36 28.27 15.93
CA TRP A 253 32.00 28.51 17.31
C TRP A 253 31.72 27.15 17.95
N PHE A 254 32.17 27.00 19.20
CA PHE A 254 31.98 25.75 19.93
C PHE A 254 31.67 26.13 21.37
N GLU A 255 30.51 25.68 21.87
CA GLU A 255 30.11 26.04 23.22
C GLU A 255 29.73 24.79 24.00
N VAL A 256 29.92 24.87 25.30
CA VAL A 256 29.60 23.77 26.21
C VAL A 256 28.97 24.36 27.46
N ILE A 257 27.86 23.76 27.89
CA ILE A 257 27.13 24.15 29.07
C ILE A 257 27.16 23.00 30.06
N SER A 258 27.13 23.36 31.35
CA SER A 258 27.12 22.35 32.41
C SER A 258 25.80 21.61 32.51
N GLN A 259 24.68 22.30 32.25
CA GLN A 259 23.36 21.73 32.52
C GLN A 259 23.21 20.33 31.95
N SER A 260 22.60 19.45 32.73
CA SER A 260 22.47 18.04 32.36
C SER A 260 21.02 17.58 32.52
N TYR A 261 20.71 16.48 31.83
CA TYR A 261 19.47 15.77 32.09
C TYR A 261 19.53 15.12 33.47
N SER A 262 18.36 14.86 34.03
CA SER A 262 18.24 14.17 35.31
C SER A 262 18.84 12.77 35.22
N SER A 263 19.38 12.30 36.36
CA SER A 263 20.08 11.02 36.36
C SER A 263 19.19 9.89 35.83
N THR A 264 17.87 10.00 36.03
CA THR A 264 16.94 8.99 35.55
C THR A 264 16.81 8.94 34.03
N MET A 265 17.12 10.03 33.32
CA MET A 265 16.84 10.09 31.89
C MET A 265 18.08 9.98 31.03
N ALA A 266 19.18 10.63 31.42
CA ALA A 266 20.44 10.49 30.71
C ALA A 266 21.58 10.79 31.68
N ASN A 267 22.71 10.12 31.47
CA ASN A 267 23.91 10.33 32.28
C ASN A 267 24.91 11.22 31.57
N ASN A 268 24.42 12.21 30.84
CA ASN A 268 25.30 13.17 30.21
C ASN A 268 25.95 14.07 31.26
N GLU A 269 27.08 14.66 30.87
CA GLU A 269 27.69 15.74 31.62
C GLU A 269 27.63 17.00 30.76
N GLY A 270 26.44 17.55 30.63
CA GLY A 270 26.22 18.72 29.81
C GLY A 270 25.97 18.37 28.37
N LEU A 271 25.81 19.42 27.55
CA LEU A 271 25.66 19.28 26.12
C LEU A 271 26.65 20.21 25.44
N PHE A 272 26.86 20.00 24.15
CA PHE A 272 27.71 20.90 23.38
C PHE A 272 26.95 21.46 22.18
N SER A 273 27.45 22.57 21.67
CA SER A 273 26.81 23.30 20.58
C SER A 273 27.90 23.92 19.70
N LEU A 274 27.89 23.61 18.40
CA LEU A 274 28.95 24.10 17.53
C LEU A 274 28.38 24.54 16.18
N VAL A 275 29.16 25.37 15.51
CA VAL A 275 28.92 25.80 14.13
C VAL A 275 30.21 25.55 13.37
N ALA A 276 30.12 24.76 12.31
CA ALA A 276 31.28 24.39 11.51
C ALA A 276 30.99 24.64 10.03
N ARG A 277 32.07 24.68 9.24
CA ARG A 277 31.97 24.85 7.80
C ARG A 277 32.87 23.85 7.08
N LYS A 278 32.33 23.20 6.05
CA LYS A 278 33.13 22.29 5.23
C LYS A 278 34.22 23.06 4.49
N LEU A 279 35.46 22.58 4.61
CA LEU A 279 36.61 23.28 4.03
C LEU A 279 36.70 23.04 2.53
N HIS B 10 6.18 17.13 -1.05
CA HIS B 10 5.58 15.80 -1.13
C HIS B 10 4.25 15.75 -0.37
N SER B 11 3.60 14.59 -0.36
CA SER B 11 2.30 14.43 0.28
C SER B 11 2.38 13.94 1.71
N SER B 12 3.41 13.14 2.05
CA SER B 12 3.67 12.72 3.42
C SER B 12 2.68 11.66 3.90
N GLY B 13 2.22 10.81 2.99
CA GLY B 13 1.26 9.77 3.31
C GLY B 13 -0.14 10.05 2.82
N LEU B 14 -0.50 11.33 2.63
CA LEU B 14 -1.82 11.66 2.09
C LEU B 14 -2.12 10.84 0.84
N VAL B 15 -1.22 10.89 -0.13
CA VAL B 15 -1.30 10.07 -1.34
C VAL B 15 0.01 9.30 -1.44
N PRO B 16 0.14 8.34 -2.34
CA PRO B 16 1.44 7.68 -2.55
C PRO B 16 2.44 8.65 -3.16
N ARG B 17 3.73 8.30 -3.02
CA ARG B 17 4.80 9.15 -3.52
C ARG B 17 4.76 9.24 -5.04
N GLY B 18 5.27 10.36 -5.56
CA GLY B 18 5.35 10.58 -6.99
C GLY B 18 4.06 10.20 -7.69
N SER B 19 2.96 10.70 -7.15
CA SER B 19 1.63 10.29 -7.59
C SER B 19 0.58 11.38 -7.43
N MET B 20 0.95 12.59 -7.00
CA MET B 20 -0.04 13.63 -6.79
C MET B 20 -0.71 14.03 -8.10
N GLU B 21 0.06 14.09 -9.20
CA GLU B 21 -0.49 14.57 -10.46
C GLU B 21 -1.27 13.48 -11.19
N SER B 22 -0.63 12.35 -11.49
CA SER B 22 -1.29 11.31 -12.27
C SER B 22 -2.32 10.56 -11.45
N GLY B 23 -2.03 10.28 -10.19
CA GLY B 23 -2.82 9.37 -9.39
C GLY B 23 -2.19 8.00 -9.21
N PHE B 24 -1.02 7.79 -9.79
CA PHE B 24 -0.28 6.54 -9.69
C PHE B 24 1.21 6.85 -9.63
N THR B 25 1.91 6.19 -8.72
CA THR B 25 3.33 6.47 -8.50
C THR B 25 4.10 6.42 -9.83
N SER B 26 4.74 7.54 -10.16
CA SER B 26 5.54 7.58 -11.37
C SER B 26 6.74 6.65 -11.25
N LYS B 27 7.19 6.12 -12.39
CA LYS B 27 8.34 5.22 -12.37
C LYS B 27 9.64 5.95 -12.06
N ASP B 28 9.72 7.25 -12.31
CA ASP B 28 10.90 8.00 -11.88
C ASP B 28 11.01 8.00 -10.36
N THR B 29 9.91 7.78 -9.65
CA THR B 29 9.98 7.65 -8.20
C THR B 29 10.67 6.35 -7.78
N TYR B 30 10.60 5.33 -8.63
CA TYR B 30 11.29 4.08 -8.38
C TYR B 30 12.80 4.19 -8.51
N LEU B 31 13.29 5.20 -9.24
CA LEU B 31 14.70 5.51 -9.20
C LEU B 31 15.04 6.42 -8.02
N SER B 32 14.03 7.07 -7.42
CA SER B 32 14.23 8.06 -6.37
C SER B 32 14.18 7.49 -4.97
N HIS B 33 13.04 6.90 -4.59
CA HIS B 33 12.74 6.63 -3.19
C HIS B 33 12.57 5.14 -2.87
N PHE B 34 12.87 4.25 -3.81
CA PHE B 34 12.80 2.82 -3.54
C PHE B 34 14.18 2.38 -3.08
N ASN B 35 14.32 2.18 -1.76
CA ASN B 35 15.56 1.72 -1.17
C ASN B 35 15.48 0.20 -1.05
N PRO B 36 16.19 -0.57 -1.88
CA PRO B 36 16.04 -2.03 -1.82
C PRO B 36 16.36 -2.63 -0.46
N ARG B 37 17.37 -2.11 0.25
CA ARG B 37 17.72 -2.70 1.54
C ARG B 37 16.65 -2.45 2.59
N ASP B 38 15.98 -1.29 2.56
CA ASP B 38 14.84 -1.07 3.43
C ASP B 38 13.68 -1.98 3.04
N TYR B 39 13.43 -2.14 1.75
CA TYR B 39 12.39 -3.06 1.30
C TYR B 39 12.71 -4.48 1.77
N LEU B 40 13.96 -4.93 1.57
CA LEU B 40 14.31 -6.29 1.97
C LEU B 40 14.10 -6.52 3.46
N GLU B 41 14.55 -5.59 4.32
CA GLU B 41 14.39 -5.84 5.74
C GLU B 41 12.95 -5.70 6.21
N LYS B 42 12.10 -4.96 5.50
CA LYS B 42 10.72 -4.82 5.95
C LYS B 42 9.84 -5.97 5.45
N TYR B 43 10.23 -6.64 4.34
CA TYR B 43 9.40 -7.70 3.76
C TYR B 43 10.02 -9.08 3.77
N TYR B 44 11.35 -9.20 3.80
CA TYR B 44 11.97 -10.51 3.64
C TYR B 44 12.97 -10.83 4.74
N LYS B 45 12.89 -10.17 5.90
CA LYS B 45 13.72 -10.57 7.02
C LYS B 45 13.50 -12.04 7.35
N PHE B 46 12.24 -12.47 7.42
CA PHE B 46 11.90 -13.84 7.78
C PHE B 46 12.31 -14.15 9.22
N GLY B 47 12.31 -13.14 10.09
CA GLY B 47 12.80 -13.31 11.45
C GLY B 47 11.90 -14.15 12.33
N SER B 48 10.64 -13.75 12.50
CA SER B 48 9.62 -14.66 13.01
C SER B 48 8.82 -15.17 11.81
N ARG B 49 8.65 -16.48 11.70
CA ARG B 49 8.02 -17.09 10.55
C ARG B 49 6.52 -16.95 10.56
N HIS B 50 5.92 -16.70 11.75
CA HIS B 50 4.48 -16.47 11.90
C HIS B 50 4.14 -15.01 11.84
N SER B 51 5.00 -14.21 11.22
CA SER B 51 4.68 -12.86 10.83
C SER B 51 3.73 -12.88 9.65
N ALA B 52 2.98 -11.79 9.50
CA ALA B 52 2.14 -11.68 8.32
C ALA B 52 2.99 -11.74 7.06
N GLU B 53 4.15 -11.05 7.07
CA GLU B 53 5.03 -11.08 5.91
C GLU B 53 5.64 -12.47 5.69
N SER B 54 6.00 -13.16 6.77
CA SER B 54 6.60 -14.49 6.59
C SER B 54 5.57 -15.49 6.09
N GLN B 55 4.33 -15.40 6.59
CA GLN B 55 3.28 -16.30 6.15
C GLN B 55 3.07 -16.17 4.65
N ILE B 56 3.05 -14.95 4.13
CA ILE B 56 2.95 -14.75 2.68
C ILE B 56 4.15 -15.35 1.96
N LEU B 57 5.36 -14.99 2.40
CA LEU B 57 6.55 -15.52 1.74
C LEU B 57 6.53 -17.04 1.67
N LYS B 58 6.12 -17.69 2.76
CA LYS B 58 6.04 -19.13 2.77
C LYS B 58 5.09 -19.64 1.69
N HIS B 59 3.93 -19.00 1.51
CA HIS B 59 3.03 -19.45 0.47
C HIS B 59 3.60 -19.23 -0.93
N LEU B 60 4.13 -18.04 -1.21
CA LEU B 60 4.81 -17.83 -2.48
C LEU B 60 5.83 -18.94 -2.75
N LEU B 61 6.63 -19.29 -1.75
CA LEU B 61 7.61 -20.35 -1.96
C LEU B 61 6.92 -21.67 -2.29
N LYS B 62 5.86 -22.03 -1.55
CA LYS B 62 5.19 -23.30 -1.80
C LYS B 62 4.57 -23.32 -3.19
N ASN B 63 3.95 -22.22 -3.61
CA ASN B 63 3.40 -22.19 -4.97
C ASN B 63 4.49 -22.37 -6.01
N LEU B 64 5.57 -21.57 -5.91
CA LEU B 64 6.68 -21.69 -6.83
C LEU B 64 7.28 -23.10 -6.80
N PHE B 65 7.46 -23.66 -5.60
CA PHE B 65 7.97 -25.02 -5.49
C PHE B 65 7.09 -26.00 -6.26
N LYS B 66 5.77 -25.93 -6.07
CA LYS B 66 4.87 -26.81 -6.78
C LYS B 66 4.90 -26.55 -8.29
N ILE B 67 4.85 -25.27 -8.68
CA ILE B 67 4.80 -24.94 -10.11
C ILE B 67 6.02 -25.46 -10.83
N PHE B 68 7.21 -25.25 -10.26
CA PHE B 68 8.44 -25.54 -11.00
C PHE B 68 9.03 -26.91 -10.69
N CYS B 69 8.65 -27.53 -9.57
CA CYS B 69 9.29 -28.77 -9.16
C CYS B 69 8.35 -29.97 -9.11
N LEU B 70 7.04 -29.76 -9.18
CA LEU B 70 6.10 -30.88 -9.23
C LEU B 70 5.26 -30.90 -10.51
N ASP B 71 4.85 -29.74 -11.00
CA ASP B 71 4.26 -29.62 -12.32
C ASP B 71 5.38 -29.63 -13.37
N GLY B 72 5.00 -29.49 -14.63
CA GLY B 72 5.99 -29.55 -15.69
C GLY B 72 7.02 -28.44 -15.63
N VAL B 73 6.57 -27.20 -15.39
CA VAL B 73 7.28 -26.00 -15.84
C VAL B 73 8.80 -26.13 -15.65
N LYS B 74 9.52 -26.14 -16.77
CA LYS B 74 10.95 -26.36 -16.85
C LYS B 74 11.35 -26.03 -18.29
N GLY B 75 12.65 -25.89 -18.52
CA GLY B 75 13.11 -25.61 -19.88
C GLY B 75 14.53 -25.05 -19.88
N ASP B 76 14.82 -24.27 -20.93
CA ASP B 76 16.16 -23.68 -21.10
C ASP B 76 16.26 -22.29 -20.49
N LEU B 77 15.35 -21.38 -20.84
CA LEU B 77 15.43 -19.99 -20.42
C LEU B 77 14.20 -19.58 -19.62
N LEU B 78 14.43 -18.93 -18.48
CA LEU B 78 13.40 -18.25 -17.70
C LEU B 78 13.80 -16.80 -17.49
N ILE B 79 12.88 -15.88 -17.75
CA ILE B 79 13.08 -14.44 -17.52
C ILE B 79 12.28 -14.04 -16.29
N ASP B 80 12.96 -13.47 -15.30
CA ASP B 80 12.29 -12.90 -14.14
C ASP B 80 12.06 -11.41 -14.40
N ILE B 81 10.82 -10.96 -14.26
CA ILE B 81 10.43 -9.58 -14.57
C ILE B 81 10.11 -8.84 -13.28
N GLY B 82 10.61 -7.61 -13.17
CA GLY B 82 10.37 -6.80 -12.00
C GLY B 82 10.93 -7.42 -10.73
N SER B 83 12.16 -7.92 -10.80
CA SER B 83 12.77 -8.61 -9.68
C SER B 83 12.92 -7.75 -8.44
N GLY B 84 12.98 -6.43 -8.59
CA GLY B 84 13.40 -5.62 -7.47
C GLY B 84 14.75 -6.14 -7.01
N PRO B 85 14.93 -6.19 -5.70
CA PRO B 85 16.16 -6.79 -5.15
C PRO B 85 16.01 -8.19 -4.55
N THR B 86 15.07 -9.01 -5.03
CA THR B 86 14.77 -10.30 -4.42
C THR B 86 15.26 -11.46 -5.29
N ILE B 87 15.51 -12.60 -4.63
CA ILE B 87 15.92 -13.83 -5.32
C ILE B 87 15.11 -15.04 -4.89
N TYR B 88 14.21 -14.89 -3.91
CA TYR B 88 13.40 -16.01 -3.44
C TYR B 88 12.59 -16.64 -4.58
N GLN B 89 12.04 -15.84 -5.48
CA GLN B 89 11.19 -16.41 -6.52
C GLN B 89 11.96 -17.35 -7.41
N LEU B 90 13.27 -17.49 -7.20
CA LEU B 90 14.14 -18.21 -8.11
C LEU B 90 14.75 -19.50 -7.57
N LEU B 91 14.52 -19.86 -6.31
CA LEU B 91 15.25 -20.99 -5.77
C LEU B 91 14.81 -22.31 -6.39
N SER B 92 13.50 -22.58 -6.38
CA SER B 92 13.02 -23.75 -7.10
C SER B 92 13.20 -23.59 -8.60
N ALA B 93 13.22 -22.34 -9.09
CA ALA B 93 13.30 -22.14 -10.54
C ALA B 93 14.64 -22.58 -11.09
N CYS B 94 15.72 -22.42 -10.31
CA CYS B 94 17.03 -22.87 -10.79
C CYS B 94 17.14 -24.38 -10.85
N GLU B 95 16.19 -25.11 -10.29
CA GLU B 95 16.19 -26.57 -10.41
C GLU B 95 15.66 -27.07 -11.76
N SER B 96 14.91 -26.25 -12.49
CA SER B 96 14.25 -26.70 -13.73
C SER B 96 14.65 -25.93 -14.99
N PHE B 97 15.38 -24.82 -14.88
CA PHE B 97 15.67 -23.95 -16.02
C PHE B 97 17.17 -23.71 -16.12
N LYS B 98 17.71 -23.86 -17.34
CA LYS B 98 19.15 -23.73 -17.51
C LYS B 98 19.63 -22.29 -17.35
N GLU B 99 18.84 -21.31 -17.77
CA GLU B 99 19.24 -19.91 -17.62
C GLU B 99 18.10 -19.06 -17.09
N ILE B 100 18.44 -18.16 -16.19
CA ILE B 100 17.51 -17.20 -15.61
C ILE B 100 18.06 -15.81 -15.91
N VAL B 101 17.21 -14.93 -16.41
CA VAL B 101 17.56 -13.53 -16.58
C VAL B 101 16.65 -12.75 -15.66
N VAL B 102 17.24 -12.11 -14.67
CA VAL B 102 16.51 -11.31 -13.70
C VAL B 102 16.61 -9.86 -14.15
N THR B 103 15.47 -9.16 -14.10
CA THR B 103 15.36 -7.80 -14.60
C THR B 103 14.76 -6.91 -13.52
N ASP B 104 14.77 -5.61 -13.81
CA ASP B 104 14.13 -4.61 -12.99
C ASP B 104 14.24 -3.27 -13.69
N TYR B 105 13.38 -2.34 -13.31
CA TYR B 105 13.46 -0.97 -13.79
C TYR B 105 14.40 -0.11 -12.96
N SER B 106 14.59 -0.44 -11.69
CA SER B 106 15.24 0.45 -10.73
C SER B 106 16.71 0.07 -10.64
N ASP B 107 17.60 1.01 -10.96
CA ASP B 107 19.03 0.69 -10.95
C ASP B 107 19.48 0.24 -9.58
N GLN B 108 18.89 0.79 -8.52
CA GLN B 108 19.22 0.36 -7.16
C GLN B 108 18.81 -1.08 -6.91
N ASN B 109 17.71 -1.53 -7.52
CA ASN B 109 17.32 -2.93 -7.32
C ASN B 109 18.31 -3.85 -8.00
N LEU B 110 18.77 -3.46 -9.18
CA LEU B 110 19.68 -4.30 -9.95
C LEU B 110 21.06 -4.37 -9.30
N GLN B 111 21.44 -3.36 -8.54
CA GLN B 111 22.76 -3.37 -7.90
C GLN B 111 22.81 -4.26 -6.66
N GLU B 112 21.82 -4.15 -5.76
CA GLU B 112 21.87 -5.02 -4.58
C GLU B 112 21.72 -6.48 -4.97
N LEU B 113 21.03 -6.76 -6.07
CA LEU B 113 21.01 -8.13 -6.55
C LEU B 113 22.41 -8.54 -6.97
N GLU B 114 23.09 -7.68 -7.74
CA GLU B 114 24.44 -8.01 -8.18
C GLU B 114 25.37 -8.24 -7.00
N LYS B 115 25.20 -7.45 -5.93
CA LYS B 115 25.99 -7.71 -4.73
C LYS B 115 25.80 -9.16 -4.30
N TRP B 116 24.57 -9.66 -4.41
CA TRP B 116 24.29 -11.01 -3.97
C TRP B 116 24.84 -12.05 -4.93
N LEU B 117 24.89 -11.75 -6.24
CA LEU B 117 25.51 -12.67 -7.19
C LEU B 117 27.02 -12.69 -7.02
N LYS B 118 27.62 -11.54 -6.71
CA LYS B 118 29.04 -11.50 -6.40
C LYS B 118 29.34 -12.20 -5.09
N ALA B 119 28.32 -12.50 -4.30
CA ALA B 119 28.50 -12.97 -2.93
C ALA B 119 29.24 -11.92 -2.12
N ALA B 120 28.92 -10.65 -2.39
CA ALA B 120 29.55 -9.59 -1.64
C ALA B 120 29.04 -9.62 -0.21
N PRO B 121 29.91 -9.51 0.79
CA PRO B 121 29.45 -9.64 2.18
C PRO B 121 28.42 -8.60 2.57
N ALA B 122 28.47 -7.42 1.96
CA ALA B 122 27.50 -6.38 2.29
C ALA B 122 26.10 -6.77 1.85
N ALA B 123 25.97 -7.74 0.95
CA ALA B 123 24.69 -8.14 0.40
C ALA B 123 23.72 -8.51 1.52
N PHE B 124 22.43 -8.55 1.16
CA PHE B 124 21.40 -9.07 2.04
C PHE B 124 21.56 -10.57 2.21
N ASP B 125 21.14 -11.08 3.37
CA ASP B 125 21.27 -12.51 3.68
C ASP B 125 19.95 -13.23 3.47
N TRP B 126 19.88 -14.02 2.40
CA TRP B 126 18.77 -14.91 2.12
C TRP B 126 18.93 -16.28 2.75
N SER B 127 19.84 -16.44 3.69
CA SER B 127 20.12 -17.72 4.34
C SER B 127 18.83 -18.46 4.69
N PRO B 128 17.95 -17.87 5.50
CA PRO B 128 16.77 -18.63 5.93
C PRO B 128 15.84 -18.98 4.78
N VAL B 129 15.65 -18.07 3.82
CA VAL B 129 14.79 -18.38 2.69
C VAL B 129 15.37 -19.52 1.88
N VAL B 130 16.68 -19.53 1.67
CA VAL B 130 17.31 -20.62 0.93
C VAL B 130 17.13 -21.94 1.67
N THR B 131 17.28 -21.92 3.01
CA THR B 131 17.08 -23.14 3.78
C THR B 131 15.65 -23.63 3.67
N TYR B 132 14.69 -22.71 3.78
CA TYR B 132 13.29 -23.14 3.76
C TYR B 132 12.93 -23.77 2.43
N VAL B 133 13.54 -23.32 1.33
CA VAL B 133 13.30 -23.93 0.03
C VAL B 133 13.99 -25.29 -0.08
N CYS B 134 15.21 -25.40 0.50
CA CYS B 134 15.87 -26.70 0.51
C CYS B 134 15.03 -27.74 1.22
N ASP B 135 14.38 -27.34 2.33
CA ASP B 135 13.54 -28.27 3.05
C ASP B 135 12.37 -28.74 2.19
N LEU B 136 11.77 -27.82 1.43
CA LEU B 136 10.65 -28.18 0.57
C LEU B 136 11.04 -29.26 -0.43
N GLU B 137 12.26 -29.19 -0.96
CA GLU B 137 12.71 -30.08 -2.04
C GLU B 137 13.35 -31.38 -1.52
N GLY B 138 13.13 -31.73 -0.26
CA GLY B 138 13.59 -32.99 0.27
C GLY B 138 14.95 -32.98 0.93
N ASN B 139 15.59 -31.82 1.04
CA ASN B 139 16.90 -31.72 1.68
C ASN B 139 17.96 -32.50 0.91
N ARG B 140 17.78 -32.66 -0.40
CA ARG B 140 18.84 -33.23 -1.22
C ARG B 140 20.14 -32.45 -1.04
N VAL B 141 20.04 -31.13 -0.95
CA VAL B 141 21.18 -30.25 -0.76
C VAL B 141 20.93 -29.41 0.50
N LYS B 142 21.99 -28.77 0.98
CA LYS B 142 21.83 -27.75 2.00
C LYS B 142 21.99 -26.37 1.35
N GLY B 143 21.79 -25.34 2.16
CA GLY B 143 21.70 -23.99 1.68
C GLY B 143 22.78 -23.62 0.70
N PRO B 144 24.03 -23.54 1.18
CA PRO B 144 25.12 -23.00 0.34
C PRO B 144 25.20 -23.59 -1.05
N GLU B 145 24.98 -24.90 -1.20
CA GLU B 145 25.06 -25.52 -2.52
C GLU B 145 23.90 -25.05 -3.41
N LYS B 146 22.69 -25.02 -2.86
CA LYS B 146 21.54 -24.46 -3.57
C LYS B 146 21.80 -23.02 -3.98
N GLU B 147 22.28 -22.21 -3.02
CA GLU B 147 22.58 -20.81 -3.28
C GLU B 147 23.57 -20.67 -4.44
N GLU B 148 24.59 -21.53 -4.48
CA GLU B 148 25.56 -21.45 -5.57
C GLU B 148 24.94 -21.94 -6.87
N LYS B 149 24.02 -22.90 -6.80
CA LYS B 149 23.29 -23.30 -8.01
C LYS B 149 22.50 -22.13 -8.56
N LEU B 150 21.81 -21.41 -7.68
CA LEU B 150 21.07 -20.25 -8.12
C LEU B 150 22.01 -19.20 -8.72
N ARG B 151 23.14 -18.95 -8.05
CA ARG B 151 24.07 -17.93 -8.52
C ARG B 151 24.64 -18.25 -9.91
N GLN B 152 24.89 -19.53 -10.22
CA GLN B 152 25.40 -19.82 -11.55
C GLN B 152 24.31 -19.69 -12.62
N ALA B 153 23.05 -19.98 -12.28
CA ALA B 153 22.00 -19.95 -13.28
C ALA B 153 21.71 -18.52 -13.74
N VAL B 154 21.77 -17.55 -12.84
CA VAL B 154 21.53 -16.16 -13.20
C VAL B 154 22.55 -15.77 -14.26
N LYS B 155 22.10 -15.61 -15.50
CA LYS B 155 22.99 -15.40 -16.64
C LYS B 155 23.00 -13.98 -17.16
N GLN B 156 22.08 -13.13 -16.71
CA GLN B 156 22.13 -11.71 -17.05
C GLN B 156 21.30 -10.92 -16.06
N VAL B 157 21.67 -9.66 -15.89
CA VAL B 157 20.94 -8.71 -15.04
C VAL B 157 20.64 -7.51 -15.92
N LEU B 158 19.37 -7.37 -16.31
CA LEU B 158 18.98 -6.42 -17.35
C LEU B 158 18.06 -5.34 -16.82
N LYS B 159 18.24 -4.12 -17.33
CA LYS B 159 17.30 -3.03 -17.09
C LYS B 159 16.02 -3.32 -17.85
N CYS B 160 14.87 -3.11 -17.20
CA CYS B 160 13.62 -3.59 -17.75
C CYS B 160 12.52 -2.55 -17.53
N ASP B 161 11.56 -2.54 -18.45
CA ASP B 161 10.43 -1.61 -18.32
C ASP B 161 9.22 -2.24 -19.01
N VAL B 162 8.25 -2.65 -18.18
CA VAL B 162 7.10 -3.42 -18.63
C VAL B 162 6.14 -2.62 -19.51
N THR B 163 6.25 -1.30 -19.50
CA THR B 163 5.34 -0.46 -20.28
C THR B 163 5.81 -0.27 -21.72
N GLN B 164 6.90 -0.90 -22.12
CA GLN B 164 7.45 -0.73 -23.46
C GLN B 164 7.23 -1.99 -24.28
N SER B 165 7.00 -1.79 -25.58
CA SER B 165 6.84 -2.91 -26.51
C SER B 165 8.00 -3.91 -26.38
N GLN B 166 9.23 -3.39 -26.28
CA GLN B 166 10.42 -4.18 -26.00
C GLN B 166 10.84 -3.92 -24.55
N PRO B 167 10.42 -4.76 -23.60
CA PRO B 167 10.74 -4.46 -22.19
C PRO B 167 12.22 -4.40 -21.90
N LEU B 168 13.00 -5.28 -22.52
CA LEU B 168 14.44 -5.38 -22.26
C LEU B 168 15.27 -4.57 -23.25
N GLY B 169 14.64 -3.63 -23.95
CA GLY B 169 15.39 -2.73 -24.82
C GLY B 169 15.88 -3.45 -26.06
N ALA B 170 17.14 -3.24 -26.39
CA ALA B 170 17.76 -3.85 -27.57
C ALA B 170 18.50 -5.12 -27.23
N VAL B 171 18.52 -5.51 -25.97
CA VAL B 171 19.24 -6.69 -25.51
C VAL B 171 18.61 -7.92 -26.15
N PRO B 172 19.36 -8.67 -26.95
CA PRO B 172 18.79 -9.85 -27.62
C PRO B 172 18.77 -11.08 -26.72
N LEU B 173 17.71 -11.88 -26.86
CA LEU B 173 17.57 -13.14 -26.15
C LEU B 173 16.84 -14.14 -27.03
N PRO B 174 17.12 -15.43 -26.88
CA PRO B 174 16.30 -16.46 -27.50
C PRO B 174 14.91 -16.48 -26.88
N PRO B 175 13.91 -16.98 -27.59
CA PRO B 175 12.58 -17.09 -26.98
C PRO B 175 12.64 -17.85 -25.66
N ALA B 176 12.09 -17.24 -24.62
CA ALA B 176 12.13 -17.85 -23.30
C ALA B 176 11.09 -18.95 -23.22
N ASP B 177 11.42 -20.02 -22.48
CA ASP B 177 10.44 -21.07 -22.23
C ASP B 177 9.41 -20.63 -21.21
N CYS B 178 9.77 -19.69 -20.33
CA CYS B 178 8.87 -19.25 -19.26
C CYS B 178 9.20 -17.83 -18.84
N VAL B 179 8.17 -17.11 -18.39
CA VAL B 179 8.31 -15.80 -17.76
C VAL B 179 7.70 -15.85 -16.37
N LEU B 180 8.41 -15.27 -15.40
CA LEU B 180 7.95 -15.19 -14.02
C LEU B 180 7.94 -13.73 -13.59
N SER B 181 7.02 -13.39 -12.70
CA SER B 181 6.96 -12.03 -12.18
C SER B 181 6.14 -12.04 -10.90
N THR B 182 6.78 -11.82 -9.76
CA THR B 182 6.12 -11.81 -8.46
C THR B 182 6.11 -10.38 -7.92
N LEU B 183 4.92 -9.88 -7.60
CA LEU B 183 4.74 -8.60 -6.91
C LEU B 183 5.17 -7.40 -7.74
N CYS B 184 5.18 -7.50 -9.07
CA CYS B 184 5.62 -6.39 -9.91
C CYS B 184 4.46 -5.63 -10.58
N LEU B 185 3.62 -6.35 -11.33
CA LEU B 185 2.70 -5.68 -12.25
C LEU B 185 1.72 -4.75 -11.52
N ASP B 186 1.19 -5.18 -10.38
CA ASP B 186 0.37 -4.26 -9.59
C ASP B 186 1.10 -2.95 -9.36
N ALA B 187 2.41 -3.03 -9.15
CA ALA B 187 3.21 -1.85 -8.86
C ALA B 187 3.54 -1.05 -10.12
N ALA B 188 3.65 -1.73 -11.26
CA ALA B 188 4.15 -1.08 -12.47
C ALA B 188 3.07 -0.46 -13.35
N CYS B 189 1.81 -0.90 -13.23
CA CYS B 189 0.79 -0.50 -14.20
C CYS B 189 -0.24 0.41 -13.55
N PRO B 190 -0.34 1.68 -13.96
CA PRO B 190 -1.27 2.60 -13.29
C PRO B 190 -2.74 2.37 -13.60
N ASP B 191 -3.09 1.63 -14.65
CA ASP B 191 -4.49 1.39 -14.98
C ASP B 191 -4.62 0.02 -15.63
N LEU B 192 -5.86 -0.40 -15.87
CA LEU B 192 -6.07 -1.77 -16.34
C LEU B 192 -5.59 -1.94 -17.78
N PRO B 193 -5.79 -0.95 -18.66
CA PRO B 193 -5.21 -1.10 -20.02
C PRO B 193 -3.70 -1.13 -20.05
N THR B 194 -3.01 -0.35 -19.21
CA THR B 194 -1.56 -0.51 -19.10
C THR B 194 -1.23 -1.89 -18.57
N TYR B 195 -2.05 -2.42 -17.67
CA TYR B 195 -1.88 -3.78 -17.20
C TYR B 195 -1.98 -4.75 -18.37
N CYS B 196 -3.05 -4.63 -19.16
CA CYS B 196 -3.23 -5.52 -20.29
C CYS B 196 -2.15 -5.30 -21.34
N ARG B 197 -1.70 -4.05 -21.51
CA ARG B 197 -0.64 -3.75 -22.48
C ARG B 197 0.68 -4.38 -22.04
N ALA B 198 0.95 -4.40 -20.73
CA ALA B 198 2.23 -4.91 -20.23
C ALA B 198 2.35 -6.43 -20.38
N LEU B 199 1.27 -7.18 -20.11
CA LEU B 199 1.33 -8.63 -20.33
C LEU B 199 1.46 -8.99 -21.79
N ARG B 200 1.08 -8.10 -22.71
CA ARG B 200 1.42 -8.35 -24.11
C ARG B 200 2.90 -8.16 -24.34
N ASN B 201 3.48 -7.11 -23.74
CA ASN B 201 4.91 -6.90 -23.85
C ASN B 201 5.69 -8.08 -23.31
N LEU B 202 5.33 -8.56 -22.11
CA LEU B 202 6.08 -9.67 -21.56
C LEU B 202 5.98 -10.91 -22.46
N GLY B 203 4.80 -11.14 -23.03
CA GLY B 203 4.65 -12.20 -24.03
C GLY B 203 5.54 -12.04 -25.24
N SER B 204 6.00 -10.81 -25.54
CA SER B 204 6.94 -10.59 -26.63
C SER B 204 8.22 -11.42 -26.46
N LEU B 205 8.53 -11.83 -25.24
CA LEU B 205 9.74 -12.57 -24.90
C LEU B 205 9.51 -14.07 -24.82
N LEU B 206 8.31 -14.54 -25.14
CA LEU B 206 7.86 -15.90 -24.89
C LEU B 206 7.81 -16.74 -26.16
N LYS B 207 8.22 -18.01 -26.04
CA LYS B 207 7.91 -18.97 -27.08
C LYS B 207 6.40 -19.16 -27.15
N PRO B 208 5.88 -19.62 -28.29
CA PRO B 208 4.47 -20.02 -28.32
C PRO B 208 4.26 -21.16 -27.34
N GLY B 209 3.15 -21.13 -26.62
CA GLY B 209 2.96 -22.13 -25.61
C GLY B 209 3.87 -22.03 -24.41
N GLY B 210 4.62 -20.94 -24.28
CA GLY B 210 5.47 -20.76 -23.11
C GLY B 210 4.62 -20.51 -21.88
N PHE B 211 5.28 -20.46 -20.73
CA PHE B 211 4.58 -20.33 -19.45
C PHE B 211 4.72 -18.93 -18.89
N LEU B 212 3.59 -18.36 -18.50
CA LEU B 212 3.51 -17.07 -17.80
C LEU B 212 3.16 -17.35 -16.35
N VAL B 213 3.98 -16.85 -15.43
CA VAL B 213 3.79 -17.07 -14.00
C VAL B 213 3.71 -15.73 -13.30
N ILE B 214 2.50 -15.37 -12.82
CA ILE B 214 2.28 -14.12 -12.10
C ILE B 214 1.78 -14.43 -10.70
N MET B 215 2.33 -13.71 -9.73
CA MET B 215 1.83 -13.68 -8.36
C MET B 215 1.81 -12.21 -7.94
N ASP B 216 0.67 -11.73 -7.46
CA ASP B 216 0.55 -10.31 -7.11
C ASP B 216 -0.57 -10.15 -6.09
N ALA B 217 -0.84 -8.91 -5.70
CA ALA B 217 -1.82 -8.62 -4.66
C ALA B 217 -3.17 -8.23 -5.25
N LEU B 218 -4.23 -8.55 -4.51
CA LEU B 218 -5.61 -8.33 -4.93
C LEU B 218 -6.18 -7.10 -4.23
N LYS B 219 -6.94 -6.31 -4.97
CA LYS B 219 -7.61 -5.13 -4.45
C LYS B 219 -6.69 -4.37 -3.50
N SER B 220 -5.50 -4.06 -4.00
CA SER B 220 -4.48 -3.33 -3.25
C SER B 220 -4.18 -2.03 -3.98
N SER B 221 -4.45 -0.90 -3.31
CA SER B 221 -4.20 0.43 -3.86
C SER B 221 -2.85 1.00 -3.46
N TYR B 222 -2.15 0.38 -2.51
CA TYR B 222 -0.82 0.83 -2.13
C TYR B 222 -0.11 -0.26 -1.33
N TYR B 223 1.22 -0.16 -1.27
CA TYR B 223 2.03 -0.92 -0.33
C TYR B 223 3.06 0.03 0.27
N MET B 224 3.52 -0.31 1.48
CA MET B 224 4.39 0.56 2.25
C MET B 224 5.79 -0.03 2.30
N ILE B 225 6.78 0.86 2.33
CA ILE B 225 8.14 0.50 2.72
C ILE B 225 8.53 1.47 3.82
N GLY B 226 8.34 1.05 5.08
CA GLY B 226 8.51 1.95 6.20
C GLY B 226 7.49 3.07 6.18
N GLU B 227 7.98 4.28 5.95
CA GLU B 227 7.19 5.49 5.86
C GLU B 227 6.88 5.84 4.42
N GLN B 228 7.43 5.07 3.48
CA GLN B 228 7.32 5.36 2.05
C GLN B 228 6.13 4.63 1.47
N LYS B 229 5.21 5.38 0.85
CA LYS B 229 3.97 4.82 0.31
C LYS B 229 4.06 4.80 -1.22
N PHE B 230 3.93 3.62 -1.80
CA PHE B 230 3.97 3.45 -3.25
C PHE B 230 2.60 2.96 -3.73
N SER B 231 2.26 3.30 -4.96
CA SER B 231 0.94 2.98 -5.51
C SER B 231 0.83 1.53 -5.92
N SER B 232 -0.39 1.00 -5.83
CA SER B 232 -0.71 -0.33 -6.31
C SER B 232 -2.03 -0.30 -7.04
N LEU B 233 -2.07 -0.96 -8.20
CA LEU B 233 -3.31 -1.08 -8.97
C LEU B 233 -4.23 -2.08 -8.30
N PRO B 234 -5.35 -1.65 -7.72
CA PRO B 234 -6.26 -2.61 -7.10
C PRO B 234 -6.99 -3.43 -8.13
N LEU B 235 -6.51 -4.65 -8.40
CA LEU B 235 -7.18 -5.52 -9.35
C LEU B 235 -7.79 -6.69 -8.58
N GLY B 236 -8.99 -7.08 -8.99
CA GLY B 236 -9.62 -8.28 -8.49
C GLY B 236 -9.41 -9.47 -9.43
N ARG B 237 -9.78 -10.63 -8.92
CA ARG B 237 -9.73 -11.86 -9.71
C ARG B 237 -10.34 -11.63 -11.09
N GLU B 238 -11.41 -10.84 -11.15
CA GLU B 238 -12.13 -10.69 -12.41
C GLU B 238 -11.34 -9.84 -13.40
N ALA B 239 -10.72 -8.75 -12.93
CA ALA B 239 -9.88 -7.94 -13.81
C ALA B 239 -8.68 -8.71 -14.33
N VAL B 240 -8.03 -9.48 -13.44
CA VAL B 240 -6.82 -10.21 -13.81
C VAL B 240 -7.16 -11.33 -14.81
N GLU B 241 -8.21 -12.10 -14.52
CA GLU B 241 -8.64 -13.15 -15.44
C GLU B 241 -8.86 -12.59 -16.84
N ALA B 242 -9.54 -11.44 -16.93
CA ALA B 242 -9.83 -10.85 -18.22
C ALA B 242 -8.60 -10.18 -18.82
N ALA B 243 -7.84 -9.46 -18.00
CA ALA B 243 -6.62 -8.82 -18.49
C ALA B 243 -5.70 -9.86 -19.12
N VAL B 244 -5.58 -11.03 -18.50
CA VAL B 244 -4.59 -12.00 -18.95
C VAL B 244 -5.01 -12.63 -20.26
N LYS B 245 -6.29 -13.01 -20.37
CA LYS B 245 -6.77 -13.70 -21.57
C LYS B 245 -6.86 -12.76 -22.77
N GLU B 246 -7.21 -11.49 -22.53
CA GLU B 246 -7.32 -10.51 -23.61
C GLU B 246 -5.95 -10.13 -24.16
N ALA B 247 -4.88 -10.39 -23.40
CA ALA B 247 -3.52 -10.24 -23.90
C ALA B 247 -3.07 -11.37 -24.80
N GLY B 248 -3.80 -12.50 -24.83
CA GLY B 248 -3.42 -13.63 -25.65
C GLY B 248 -2.81 -14.81 -24.91
N TYR B 249 -3.29 -15.08 -23.70
CA TYR B 249 -2.90 -16.25 -22.94
C TYR B 249 -4.12 -17.11 -22.62
N THR B 250 -3.87 -18.37 -22.28
CA THR B 250 -4.87 -19.25 -21.70
C THR B 250 -4.44 -19.64 -20.30
N ILE B 251 -5.38 -19.59 -19.36
CA ILE B 251 -5.09 -19.75 -17.94
C ILE B 251 -5.22 -21.24 -17.60
N GLU B 252 -4.12 -21.85 -17.14
CA GLU B 252 -4.13 -23.25 -16.75
C GLU B 252 -4.55 -23.47 -15.30
N TRP B 253 -4.18 -22.57 -14.38
CA TRP B 253 -4.67 -22.69 -13.01
C TRP B 253 -4.49 -21.36 -12.30
N PHE B 254 -5.46 -21.06 -11.42
CA PHE B 254 -5.60 -19.75 -10.79
C PHE B 254 -5.95 -19.95 -9.31
N GLU B 255 -5.24 -19.26 -8.41
CA GLU B 255 -5.43 -19.44 -6.98
C GLU B 255 -5.61 -18.10 -6.27
N VAL B 256 -6.34 -18.11 -5.16
CA VAL B 256 -6.56 -16.92 -4.33
C VAL B 256 -6.47 -17.30 -2.87
N ILE B 257 -5.76 -16.50 -2.08
CA ILE B 257 -5.61 -16.72 -0.64
C ILE B 257 -6.24 -15.58 0.13
N SER B 258 -6.77 -15.92 1.31
CA SER B 258 -7.29 -14.88 2.19
C SER B 258 -6.15 -14.08 2.79
N GLN B 259 -5.01 -14.74 3.03
CA GLN B 259 -3.88 -14.13 3.72
C GLN B 259 -3.48 -12.81 3.09
N SER B 260 -3.24 -11.81 3.95
CA SER B 260 -2.92 -10.47 3.51
C SER B 260 -1.68 -9.95 4.24
N TYR B 261 -1.05 -8.94 3.64
CA TYR B 261 -0.09 -8.16 4.38
C TYR B 261 -0.82 -7.33 5.44
N SER B 262 -0.13 -7.06 6.54
CA SER B 262 -0.73 -6.21 7.57
C SER B 262 -0.93 -4.81 7.03
N SER B 263 -2.04 -4.17 7.45
CA SER B 263 -2.42 -2.86 6.93
C SER B 263 -1.32 -1.82 7.13
N THR B 264 -0.42 -2.03 8.08
CA THR B 264 0.71 -1.13 8.24
C THR B 264 1.63 -1.15 7.03
N MET B 265 1.63 -2.24 6.27
CA MET B 265 2.51 -2.44 5.15
C MET B 265 1.80 -2.50 3.81
N ALA B 266 0.63 -3.15 3.75
CA ALA B 266 -0.13 -3.22 2.50
C ALA B 266 -1.61 -3.36 2.80
N ASN B 267 -2.45 -2.78 1.93
CA ASN B 267 -3.90 -2.92 2.04
C ASN B 267 -4.47 -3.87 0.99
N ASN B 268 -3.74 -4.93 0.67
CA ASN B 268 -4.29 -5.92 -0.23
C ASN B 268 -5.39 -6.71 0.46
N GLU B 269 -6.24 -7.34 -0.34
CA GLU B 269 -7.15 -8.38 0.14
C GLU B 269 -6.73 -9.70 -0.46
N GLY B 270 -5.62 -10.24 0.04
CA GLY B 270 -5.09 -11.50 -0.45
C GLY B 270 -4.14 -11.35 -1.62
N LEU B 271 -3.74 -12.52 -2.15
CA LEU B 271 -2.88 -12.61 -3.33
C LEU B 271 -3.53 -13.55 -4.34
N PHE B 272 -3.01 -13.52 -5.56
CA PHE B 272 -3.38 -14.50 -6.58
C PHE B 272 -2.12 -15.17 -7.14
N SER B 273 -2.32 -16.34 -7.72
CA SER B 273 -1.24 -17.15 -8.26
C SER B 273 -1.75 -17.86 -9.50
N LEU B 274 -1.08 -17.66 -10.64
CA LEU B 274 -1.58 -18.22 -11.88
C LEU B 274 -0.42 -18.79 -12.69
N VAL B 275 -0.78 -19.69 -13.60
CA VAL B 275 0.11 -20.19 -14.64
C VAL B 275 -0.67 -20.16 -15.95
N ALA B 276 -0.20 -19.38 -16.91
CA ALA B 276 -0.91 -19.22 -18.18
C ALA B 276 0.02 -19.44 -19.35
N ARG B 277 -0.58 -19.68 -20.53
CA ARG B 277 0.19 -19.89 -21.76
C ARG B 277 -0.28 -18.97 -22.87
N LYS B 278 0.69 -18.39 -23.57
CA LYS B 278 0.40 -17.66 -24.80
C LYS B 278 -0.19 -18.63 -25.82
N LEU B 279 -1.32 -18.24 -26.41
CA LEU B 279 -2.06 -19.11 -27.31
C LEU B 279 -1.44 -19.23 -28.70
N GLY C 23 9.44 28.17 -3.88
CA GLY C 23 9.39 28.59 -5.26
C GLY C 23 7.98 28.94 -5.70
N PHE C 24 7.00 28.51 -4.90
CA PHE C 24 5.60 28.80 -5.15
C PHE C 24 5.32 30.25 -4.77
N THR C 25 4.73 31.01 -5.69
CA THR C 25 4.54 32.44 -5.48
C THR C 25 3.85 32.71 -4.15
N SER C 26 4.55 33.45 -3.30
CA SER C 26 4.07 33.82 -1.98
C SER C 26 2.84 34.73 -2.08
N LYS C 27 2.03 34.69 -1.02
CA LYS C 27 0.83 35.51 -0.96
C LYS C 27 1.16 36.99 -0.85
N ASP C 28 2.34 37.34 -0.33
CA ASP C 28 2.70 38.74 -0.28
C ASP C 28 2.76 39.35 -1.68
N THR C 29 3.07 38.53 -2.68
CA THR C 29 3.04 39.01 -4.05
C THR C 29 1.63 39.18 -4.60
N TYR C 30 0.63 38.52 -4.01
CA TYR C 30 -0.74 38.81 -4.43
C TYR C 30 -1.17 40.21 -4.04
N LEU C 31 -0.54 40.78 -3.01
CA LEU C 31 -0.73 42.19 -2.71
C LEU C 31 0.15 43.08 -3.58
N SER C 32 1.17 42.50 -4.21
CA SER C 32 2.12 43.23 -5.05
C SER C 32 1.70 43.19 -6.51
N HIS C 33 1.58 41.99 -7.09
CA HIS C 33 1.54 41.82 -8.53
C HIS C 33 0.23 41.25 -9.08
N PHE C 34 -0.80 41.08 -8.26
CA PHE C 34 -2.11 40.65 -8.77
C PHE C 34 -2.98 41.88 -9.03
N ASN C 35 -3.14 42.22 -10.29
CA ASN C 35 -4.00 43.35 -10.67
C ASN C 35 -5.40 42.87 -11.00
N PRO C 36 -6.39 43.06 -10.11
CA PRO C 36 -7.73 42.52 -10.38
C PRO C 36 -8.34 43.03 -11.67
N ARG C 37 -8.09 44.29 -12.03
CA ARG C 37 -8.69 44.85 -13.23
C ARG C 37 -8.21 44.14 -14.48
N ASP C 38 -6.93 43.73 -14.48
CA ASP C 38 -6.43 42.89 -15.57
C ASP C 38 -7.04 41.49 -15.52
N TYR C 39 -7.14 40.92 -14.33
CA TYR C 39 -7.70 39.59 -14.19
C TYR C 39 -9.14 39.56 -14.70
N LEU C 40 -9.94 40.54 -14.28
CA LEU C 40 -11.33 40.60 -14.72
C LEU C 40 -11.43 40.67 -16.24
N GLU C 41 -10.60 41.50 -16.88
CA GLU C 41 -10.74 41.68 -18.33
C GLU C 41 -10.25 40.47 -19.12
N LYS C 42 -9.33 39.68 -18.58
CA LYS C 42 -8.81 38.54 -19.34
C LYS C 42 -9.60 37.25 -19.17
N TYR C 43 -10.32 37.07 -18.06
CA TYR C 43 -10.98 35.80 -17.81
C TYR C 43 -12.50 35.88 -17.79
N TYR C 44 -13.08 37.05 -17.55
CA TYR C 44 -14.53 37.15 -17.43
C TYR C 44 -15.06 38.23 -18.34
N LYS C 45 -14.31 38.54 -19.40
CA LYS C 45 -14.78 39.43 -20.46
C LYS C 45 -16.11 38.94 -21.04
N PHE C 46 -16.19 37.65 -21.39
CA PHE C 46 -17.41 37.06 -21.93
C PHE C 46 -17.81 37.68 -23.26
N GLY C 47 -16.83 38.18 -24.01
CA GLY C 47 -17.09 38.83 -25.28
C GLY C 47 -17.40 37.83 -26.38
N SER C 48 -16.52 36.87 -26.58
CA SER C 48 -16.79 35.70 -27.41
C SER C 48 -17.23 34.53 -26.54
N ARG C 49 -18.41 33.99 -26.85
CA ARG C 49 -18.94 32.83 -26.11
C ARG C 49 -18.21 31.56 -26.55
N HIS C 50 -17.57 31.59 -27.69
CA HIS C 50 -16.79 30.48 -28.18
C HIS C 50 -15.30 30.71 -27.95
N SER C 51 -14.97 31.54 -26.96
CA SER C 51 -13.65 31.61 -26.36
C SER C 51 -13.49 30.52 -25.30
N ALA C 52 -12.24 30.09 -25.07
CA ALA C 52 -11.95 29.09 -24.03
C ALA C 52 -12.33 29.58 -22.63
N GLU C 53 -12.03 30.83 -22.32
CA GLU C 53 -12.39 31.36 -21.01
C GLU C 53 -13.89 31.38 -20.82
N SER C 54 -14.63 31.66 -21.89
CA SER C 54 -16.08 31.73 -21.81
C SER C 54 -16.71 30.34 -21.70
N GLN C 55 -16.19 29.35 -22.42
CA GLN C 55 -16.74 28.00 -22.32
C GLN C 55 -16.65 27.47 -20.89
N ILE C 56 -15.49 27.65 -20.23
CA ILE C 56 -15.32 27.27 -18.82
C ILE C 56 -16.35 28.02 -17.96
N LEU C 57 -16.43 29.35 -18.12
CA LEU C 57 -17.24 30.16 -17.24
C LEU C 57 -18.67 29.67 -17.10
N LYS C 58 -19.34 29.44 -18.25
CA LYS C 58 -20.75 28.97 -18.21
C LYS C 58 -20.85 27.60 -17.53
N HIS C 59 -19.98 26.64 -17.86
CA HIS C 59 -20.10 25.35 -17.19
C HIS C 59 -19.94 25.55 -15.68
N LEU C 60 -18.94 26.36 -15.28
CA LEU C 60 -18.90 26.81 -13.90
C LEU C 60 -20.26 27.36 -13.51
N LEU C 61 -20.81 28.23 -14.36
CA LEU C 61 -22.10 28.85 -14.08
C LEU C 61 -23.21 27.81 -13.98
N LYS C 62 -23.20 26.82 -14.88
CA LYS C 62 -24.24 25.80 -14.87
C LYS C 62 -24.17 24.93 -13.61
N ASN C 63 -22.96 24.51 -13.21
CA ASN C 63 -22.82 23.74 -11.98
C ASN C 63 -23.26 24.56 -10.77
N LEU C 64 -22.85 25.84 -10.70
CA LEU C 64 -23.35 26.69 -9.64
C LEU C 64 -24.87 26.75 -9.66
N PHE C 65 -25.47 26.90 -10.85
CA PHE C 65 -26.91 26.85 -10.97
C PHE C 65 -27.44 25.52 -10.44
N LYS C 66 -26.82 24.41 -10.84
CA LYS C 66 -27.31 23.10 -10.40
C LYS C 66 -27.18 22.95 -8.89
N ILE C 67 -26.03 23.35 -8.33
CA ILE C 67 -25.81 23.17 -6.89
C ILE C 67 -26.83 23.95 -6.07
N PHE C 68 -27.11 25.20 -6.46
CA PHE C 68 -27.91 26.07 -5.62
C PHE C 68 -29.39 26.19 -6.01
N CYS C 69 -29.78 25.81 -7.24
CA CYS C 69 -31.15 26.07 -7.68
C CYS C 69 -31.96 24.82 -7.98
N LEU C 70 -31.34 23.65 -8.10
CA LEU C 70 -32.04 22.39 -8.24
C LEU C 70 -31.71 21.41 -7.13
N ASP C 71 -30.48 21.46 -6.60
CA ASP C 71 -30.08 20.69 -5.45
C ASP C 71 -30.62 21.32 -4.16
N GLY C 72 -30.36 20.64 -3.04
CA GLY C 72 -30.82 21.15 -1.76
C GLY C 72 -30.15 22.45 -1.37
N VAL C 73 -28.83 22.54 -1.57
CA VAL C 73 -27.96 23.46 -0.86
C VAL C 73 -28.60 24.83 -0.69
N LYS C 74 -28.82 25.22 0.55
CA LYS C 74 -29.51 26.45 0.90
C LYS C 74 -29.35 26.66 2.40
N GLY C 75 -29.67 27.85 2.85
CA GLY C 75 -29.64 28.12 4.27
C GLY C 75 -29.58 29.62 4.52
N ASP C 76 -29.02 29.95 5.69
CA ASP C 76 -28.90 31.33 6.13
C ASP C 76 -27.56 31.94 5.76
N LEU C 77 -26.46 31.25 6.05
CA LEU C 77 -25.12 31.80 5.82
C LEU C 77 -24.31 30.92 4.87
N LEU C 78 -23.73 31.55 3.86
CA LEU C 78 -22.72 30.97 2.98
C LEU C 78 -21.49 31.86 3.02
N ILE C 79 -20.32 31.26 3.24
CA ILE C 79 -19.06 32.00 3.28
C ILE C 79 -18.28 31.67 2.01
N ASP C 80 -18.01 32.69 1.21
CA ASP C 80 -17.24 32.52 -0.01
C ASP C 80 -15.76 32.73 0.31
N ILE C 81 -14.92 31.79 -0.13
CA ILE C 81 -13.50 31.78 0.17
C ILE C 81 -12.74 32.18 -1.09
N GLY C 82 -11.80 33.11 -0.94
CA GLY C 82 -11.01 33.56 -2.07
C GLY C 82 -11.87 34.18 -3.16
N SER C 83 -12.83 35.03 -2.78
CA SER C 83 -13.76 35.58 -3.77
C SER C 83 -13.04 36.33 -4.89
N GLY C 84 -11.83 36.82 -4.65
CA GLY C 84 -11.17 37.72 -5.55
C GLY C 84 -12.02 38.95 -5.87
N PRO C 85 -11.97 39.41 -7.11
CA PRO C 85 -12.84 40.52 -7.51
C PRO C 85 -14.02 40.08 -8.36
N THR C 86 -14.42 38.81 -8.24
CA THR C 86 -15.49 38.24 -9.04
C THR C 86 -16.73 38.00 -8.20
N ILE C 87 -17.88 38.02 -8.88
CA ILE C 87 -19.17 37.77 -8.27
C ILE C 87 -19.96 36.71 -9.00
N TYR C 88 -19.44 36.19 -10.12
CA TYR C 88 -20.14 35.16 -10.88
C TYR C 88 -20.48 33.99 -9.99
N GLN C 89 -19.56 33.61 -9.10
CA GLN C 89 -19.77 32.45 -8.25
C GLN C 89 -20.93 32.63 -7.27
N LEU C 90 -21.50 33.82 -7.17
CA LEU C 90 -22.53 34.12 -6.18
C LEU C 90 -23.90 34.41 -6.81
N LEU C 91 -24.04 34.30 -8.13
CA LEU C 91 -25.28 34.73 -8.75
C LEU C 91 -26.41 33.73 -8.45
N SER C 92 -26.19 32.46 -8.75
CA SER C 92 -27.17 31.44 -8.36
C SER C 92 -27.24 31.25 -6.85
N ALA C 93 -26.14 31.57 -6.15
CA ALA C 93 -26.10 31.35 -4.71
C ALA C 93 -26.96 32.35 -3.94
N CYS C 94 -27.07 33.59 -4.43
CA CYS C 94 -27.85 34.60 -3.72
C CYS C 94 -29.35 34.35 -3.77
N GLU C 95 -29.83 33.47 -4.64
CA GLU C 95 -31.24 33.09 -4.60
C GLU C 95 -31.54 32.11 -3.48
N SER C 96 -30.50 31.48 -2.93
CA SER C 96 -30.66 30.37 -2.01
C SER C 96 -30.13 30.64 -0.60
N PHE C 97 -29.42 31.75 -0.38
CA PHE C 97 -28.84 32.06 0.92
C PHE C 97 -29.19 33.49 1.33
N LYS C 98 -29.61 33.66 2.58
CA LYS C 98 -30.07 34.96 3.05
C LYS C 98 -28.92 35.97 3.21
N GLU C 99 -27.72 35.51 3.60
CA GLU C 99 -26.56 36.41 3.76
C GLU C 99 -25.32 35.77 3.16
N ILE C 100 -24.51 36.61 2.51
CA ILE C 100 -23.28 36.19 1.84
C ILE C 100 -22.11 36.98 2.43
N VAL C 101 -21.04 36.27 2.75
CA VAL C 101 -19.78 36.84 3.23
C VAL C 101 -18.70 36.54 2.20
N VAL C 102 -18.12 37.60 1.62
CA VAL C 102 -17.07 37.45 0.63
C VAL C 102 -15.72 37.67 1.29
N THR C 103 -14.78 36.74 1.03
CA THR C 103 -13.48 36.79 1.69
C THR C 103 -12.38 36.72 0.64
N ASP C 104 -11.16 37.10 1.07
CA ASP C 104 -10.02 37.10 0.17
C ASP C 104 -8.78 37.50 0.96
N TYR C 105 -7.61 37.19 0.40
CA TYR C 105 -6.39 37.65 1.05
C TYR C 105 -5.96 39.05 0.61
N SER C 106 -6.22 39.43 -0.64
CA SER C 106 -5.63 40.65 -1.20
C SER C 106 -6.69 41.74 -1.23
N ASP C 107 -6.46 42.81 -0.46
CA ASP C 107 -7.43 43.89 -0.37
C ASP C 107 -7.65 44.57 -1.70
N GLN C 108 -6.64 44.58 -2.58
CA GLN C 108 -6.87 45.15 -3.91
C GLN C 108 -7.94 44.38 -4.64
N ASN C 109 -8.07 43.08 -4.36
CA ASN C 109 -9.16 42.31 -4.97
C ASN C 109 -10.50 42.59 -4.29
N LEU C 110 -10.52 42.69 -2.96
CA LEU C 110 -11.78 42.91 -2.26
C LEU C 110 -12.34 44.31 -2.49
N GLN C 111 -11.47 45.26 -2.81
CA GLN C 111 -11.90 46.62 -3.10
C GLN C 111 -12.52 46.69 -4.50
N GLU C 112 -11.95 45.96 -5.47
CA GLU C 112 -12.56 45.88 -6.79
C GLU C 112 -13.91 45.17 -6.74
N LEU C 113 -14.12 44.27 -5.77
CA LEU C 113 -15.43 43.66 -5.60
C LEU C 113 -16.47 44.67 -5.10
N GLU C 114 -16.22 45.30 -3.95
CA GLU C 114 -17.23 46.24 -3.44
C GLU C 114 -17.47 47.37 -4.41
N LYS C 115 -16.47 47.70 -5.24
CA LYS C 115 -16.70 48.69 -6.27
C LYS C 115 -17.94 48.35 -7.07
N TRP C 116 -18.16 47.06 -7.34
CA TRP C 116 -19.35 46.64 -8.08
C TRP C 116 -20.61 46.61 -7.23
N LEU C 117 -20.49 46.30 -5.94
CA LEU C 117 -21.67 46.28 -5.08
C LEU C 117 -22.23 47.67 -4.88
N LYS C 118 -21.37 48.69 -4.85
CA LYS C 118 -21.81 50.08 -4.79
C LYS C 118 -22.37 50.58 -6.12
N ALA C 119 -22.14 49.86 -7.23
CA ALA C 119 -22.49 50.34 -8.57
C ALA C 119 -21.77 51.64 -8.91
N ALA C 120 -20.53 51.75 -8.43
CA ALA C 120 -19.71 52.91 -8.72
C ALA C 120 -19.30 52.93 -10.20
N PRO C 121 -19.19 54.11 -10.81
CA PRO C 121 -19.02 54.17 -12.27
C PRO C 121 -17.85 53.36 -12.79
N ALA C 122 -16.77 53.25 -12.02
CA ALA C 122 -15.60 52.50 -12.46
C ALA C 122 -15.81 51.00 -12.48
N ALA C 123 -16.85 50.48 -11.83
CA ALA C 123 -16.98 49.04 -11.61
C ALA C 123 -16.87 48.20 -12.88
N PHE C 124 -16.54 46.92 -12.70
CA PHE C 124 -16.51 45.97 -13.79
C PHE C 124 -17.90 45.63 -14.29
N ASP C 125 -17.98 45.24 -15.56
CA ASP C 125 -19.26 44.92 -16.21
C ASP C 125 -19.48 43.41 -16.19
N TRP C 126 -20.34 42.97 -15.28
CA TRP C 126 -20.84 41.59 -15.26
C TRP C 126 -22.14 41.43 -16.04
N SER C 127 -22.51 42.42 -16.85
CA SER C 127 -23.76 42.41 -17.61
C SER C 127 -24.02 41.07 -18.30
N PRO C 128 -23.16 40.63 -19.21
CA PRO C 128 -23.48 39.41 -19.97
C PRO C 128 -23.53 38.15 -19.12
N VAL C 129 -22.63 38.00 -18.13
CA VAL C 129 -22.69 36.84 -17.26
C VAL C 129 -23.97 36.87 -16.42
N VAL C 130 -24.37 38.05 -15.95
CA VAL C 130 -25.63 38.16 -15.22
C VAL C 130 -26.80 37.77 -16.13
N THR C 131 -26.75 38.19 -17.39
CA THR C 131 -27.80 37.81 -18.32
C THR C 131 -27.88 36.29 -18.46
N TYR C 132 -26.72 35.65 -18.59
CA TYR C 132 -26.69 34.21 -18.79
C TYR C 132 -27.23 33.46 -17.59
N VAL C 133 -26.99 33.96 -16.39
CA VAL C 133 -27.50 33.29 -15.20
C VAL C 133 -29.01 33.51 -15.05
N CYS C 134 -29.50 34.68 -15.47
CA CYS C 134 -30.95 34.88 -15.49
C CYS C 134 -31.62 33.88 -16.44
N ASP C 135 -31.03 33.64 -17.61
CA ASP C 135 -31.59 32.65 -18.52
C ASP C 135 -31.58 31.26 -17.91
N LEU C 136 -30.50 30.92 -17.21
CA LEU C 136 -30.43 29.60 -16.56
C LEU C 136 -31.60 29.43 -15.59
N GLU C 137 -31.97 30.49 -14.89
CA GLU C 137 -33.01 30.41 -13.88
C GLU C 137 -34.40 30.70 -14.46
N GLY C 138 -34.54 30.63 -15.79
CA GLY C 138 -35.84 30.72 -16.43
C GLY C 138 -36.29 32.11 -16.79
N ASN C 139 -35.47 33.13 -16.55
CA ASN C 139 -35.85 34.52 -16.79
C ASN C 139 -37.01 34.93 -15.90
N ARG C 140 -37.13 34.29 -14.74
CA ARG C 140 -38.09 34.75 -13.74
C ARG C 140 -37.88 36.24 -13.47
N VAL C 141 -36.63 36.66 -13.43
CA VAL C 141 -36.22 38.04 -13.27
C VAL C 141 -35.27 38.36 -14.41
N LYS C 142 -35.04 39.65 -14.66
CA LYS C 142 -33.98 40.08 -15.55
C LYS C 142 -32.85 40.71 -14.75
N GLY C 143 -31.79 41.09 -15.47
CA GLY C 143 -30.54 41.49 -14.87
C GLY C 143 -30.69 42.44 -13.69
N PRO C 144 -31.15 43.66 -13.95
CA PRO C 144 -31.13 44.68 -12.88
C PRO C 144 -31.69 44.19 -11.56
N GLU C 145 -32.77 43.40 -11.57
CA GLU C 145 -33.31 42.90 -10.31
C GLU C 145 -32.37 41.87 -9.69
N LYS C 146 -31.85 40.95 -10.51
CA LYS C 146 -30.90 39.97 -9.99
C LYS C 146 -29.69 40.65 -9.37
N GLU C 147 -29.10 41.61 -10.09
CA GLU C 147 -27.96 42.33 -9.55
C GLU C 147 -28.28 42.92 -8.19
N GLU C 148 -29.49 43.46 -8.03
CA GLU C 148 -29.82 44.05 -6.75
C GLU C 148 -29.95 43.00 -5.66
N LYS C 149 -30.42 41.79 -6.01
CA LYS C 149 -30.54 40.74 -5.00
C LYS C 149 -29.17 40.32 -4.46
N LEU C 150 -28.18 40.14 -5.33
CA LEU C 150 -26.85 39.77 -4.86
C LEU C 150 -26.26 40.85 -3.97
N ARG C 151 -26.33 42.11 -4.42
CA ARG C 151 -25.78 43.19 -3.62
C ARG C 151 -26.43 43.24 -2.25
N GLN C 152 -27.70 42.86 -2.16
CA GLN C 152 -28.29 42.78 -0.84
C GLN C 152 -27.76 41.60 -0.02
N ALA C 153 -27.44 40.46 -0.66
CA ALA C 153 -27.04 39.30 0.13
C ALA C 153 -25.64 39.45 0.72
N VAL C 154 -24.68 39.92 -0.08
CA VAL C 154 -23.31 40.13 0.40
C VAL C 154 -23.35 41.21 1.48
N LYS C 155 -23.09 40.82 2.74
CA LYS C 155 -23.26 41.76 3.84
C LYS C 155 -21.97 42.27 4.46
N GLN C 156 -20.82 41.68 4.16
CA GLN C 156 -19.54 42.30 4.52
C GLN C 156 -18.40 41.58 3.80
N VAL C 157 -17.28 42.29 3.67
CA VAL C 157 -16.11 41.86 2.92
C VAL C 157 -14.93 41.76 3.89
N LEU C 158 -14.49 40.54 4.16
CA LEU C 158 -13.51 40.28 5.21
C LEU C 158 -12.21 39.78 4.61
N LYS C 159 -11.11 40.18 5.25
CA LYS C 159 -9.79 39.65 4.91
C LYS C 159 -9.69 38.20 5.36
N CYS C 160 -9.07 37.37 4.52
CA CYS C 160 -9.11 35.92 4.66
C CYS C 160 -7.73 35.33 4.38
N ASP C 161 -7.44 34.19 5.02
CA ASP C 161 -6.20 33.46 4.79
C ASP C 161 -6.51 31.99 5.05
N VAL C 162 -6.58 31.20 3.98
CA VAL C 162 -7.03 29.82 4.11
C VAL C 162 -6.02 28.98 4.87
N THR C 163 -4.79 29.48 5.01
CA THR C 163 -3.69 28.76 5.60
C THR C 163 -3.61 28.88 7.12
N GLN C 164 -4.54 29.59 7.75
CA GLN C 164 -4.48 29.83 9.19
C GLN C 164 -5.55 29.04 9.94
N SER C 165 -5.23 28.72 11.19
CA SER C 165 -6.17 27.98 12.04
C SER C 165 -7.57 28.58 11.97
N GLN C 166 -7.70 29.89 12.08
CA GLN C 166 -8.94 30.60 11.86
C GLN C 166 -8.88 31.42 10.60
N PRO C 167 -9.37 31.01 9.45
CA PRO C 167 -9.17 31.72 8.20
C PRO C 167 -9.60 33.18 8.25
N LEU C 168 -10.68 33.51 8.97
CA LEU C 168 -11.18 34.88 8.99
C LEU C 168 -10.69 35.65 10.22
N GLY C 169 -9.66 35.18 10.90
CA GLY C 169 -9.08 35.97 11.98
C GLY C 169 -9.99 36.03 13.19
N ALA C 170 -10.15 37.24 13.72
CA ALA C 170 -10.96 37.47 14.92
C ALA C 170 -12.38 37.90 14.60
N VAL C 171 -12.72 38.11 13.34
CA VAL C 171 -14.09 38.49 13.03
C VAL C 171 -14.95 37.29 13.39
N PRO C 172 -15.84 37.43 14.36
CA PRO C 172 -16.68 36.30 14.76
C PRO C 172 -17.85 36.15 13.81
N LEU C 173 -18.23 34.91 13.58
CA LEU C 173 -19.37 34.60 12.74
C LEU C 173 -20.11 33.40 13.31
N PRO C 174 -21.42 33.33 13.08
CA PRO C 174 -22.12 32.08 13.37
C PRO C 174 -21.63 31.01 12.46
N PRO C 175 -21.74 29.74 12.86
CA PRO C 175 -21.35 28.64 11.96
C PRO C 175 -22.07 28.76 10.62
N ALA C 176 -21.30 28.76 9.54
CA ALA C 176 -21.88 28.96 8.22
C ALA C 176 -22.65 27.72 7.80
N ASP C 177 -23.73 27.95 7.03
CA ASP C 177 -24.46 26.83 6.43
C ASP C 177 -23.69 26.22 5.27
N CYS C 178 -22.84 27.00 4.61
CA CYS C 178 -22.11 26.55 3.44
C CYS C 178 -20.82 27.34 3.31
N VAL C 179 -19.78 26.66 2.80
CA VAL C 179 -18.55 27.33 2.37
C VAL C 179 -18.34 27.01 0.90
N LEU C 180 -18.06 28.03 0.12
CA LEU C 180 -17.83 27.94 -1.30
C LEU C 180 -16.48 28.56 -1.61
N SER C 181 -15.79 28.02 -2.62
CA SER C 181 -14.48 28.53 -3.00
C SER C 181 -14.20 28.13 -4.44
N THR C 182 -14.17 29.11 -5.33
CA THR C 182 -13.94 28.86 -6.75
C THR C 182 -12.57 29.40 -7.14
N LEU C 183 -11.70 28.51 -7.65
CA LEU C 183 -10.41 28.84 -8.23
C LEU C 183 -9.41 29.43 -7.25
N CYS C 184 -9.57 29.15 -5.95
CA CYS C 184 -8.71 29.69 -4.90
C CYS C 184 -7.67 28.69 -4.41
N LEU C 185 -8.09 27.48 -4.05
CA LEU C 185 -7.24 26.59 -3.28
C LEU C 185 -5.99 26.17 -4.05
N ASP C 186 -6.12 25.84 -5.35
CA ASP C 186 -4.95 25.51 -6.15
C ASP C 186 -3.88 26.61 -6.10
N ALA C 187 -4.31 27.88 -6.15
CA ALA C 187 -3.37 28.99 -6.22
C ALA C 187 -2.78 29.35 -4.87
N ALA C 188 -3.52 29.13 -3.78
CA ALA C 188 -3.12 29.58 -2.46
C ALA C 188 -2.29 28.56 -1.70
N CYS C 189 -2.27 27.32 -2.15
CA CYS C 189 -1.63 26.24 -1.40
C CYS C 189 -0.40 25.74 -2.16
N PRO C 190 0.82 25.93 -1.64
CA PRO C 190 2.01 25.51 -2.41
C PRO C 190 2.23 24.00 -2.44
N ASP C 191 1.61 23.24 -1.56
CA ASP C 191 1.76 21.79 -1.55
C ASP C 191 0.47 21.17 -1.01
N LEU C 192 0.42 19.83 -1.03
CA LEU C 192 -0.78 19.10 -0.67
C LEU C 192 -1.08 19.13 0.84
N PRO C 193 -0.07 19.00 1.71
CA PRO C 193 -0.38 19.12 3.15
C PRO C 193 -0.93 20.50 3.50
N THR C 194 -0.43 21.54 2.84
CA THR C 194 -1.01 22.87 2.99
C THR C 194 -2.44 22.92 2.46
N TYR C 195 -2.72 22.26 1.33
CA TYR C 195 -4.09 22.20 0.81
C TYR C 195 -5.01 21.55 1.83
N CYS C 196 -4.62 20.38 2.34
CA CYS C 196 -5.44 19.64 3.29
C CYS C 196 -5.65 20.42 4.58
N ARG C 197 -4.61 21.14 5.05
CA ARG C 197 -4.75 21.90 6.29
C ARG C 197 -5.74 23.05 6.13
N ALA C 198 -5.79 23.67 4.94
CA ALA C 198 -6.71 24.78 4.70
C ALA C 198 -8.15 24.30 4.59
N LEU C 199 -8.38 23.14 3.98
CA LEU C 199 -9.75 22.62 3.91
C LEU C 199 -10.28 22.31 5.30
N ARG C 200 -9.37 22.13 6.28
CA ARG C 200 -9.75 22.07 7.69
C ARG C 200 -10.00 23.45 8.27
N ASN C 201 -9.19 24.44 7.91
CA ASN C 201 -9.48 25.82 8.32
C ASN C 201 -10.83 26.26 7.79
N LEU C 202 -11.11 25.96 6.52
CA LEU C 202 -12.41 26.30 5.97
C LEU C 202 -13.50 25.60 6.77
N GLY C 203 -13.25 24.34 7.15
CA GLY C 203 -14.14 23.64 8.05
C GLY C 203 -14.34 24.34 9.37
N SER C 204 -13.41 25.23 9.74
CA SER C 204 -13.59 26.02 10.96
C SER C 204 -14.86 26.84 10.94
N LEU C 205 -15.41 27.14 9.75
CA LEU C 205 -16.57 28.00 9.59
C LEU C 205 -17.87 27.26 9.36
N LEU C 206 -17.87 25.93 9.39
CA LEU C 206 -19.03 25.14 8.98
C LEU C 206 -19.75 24.57 10.19
N LYS C 207 -21.08 24.61 10.14
CA LYS C 207 -21.89 23.82 11.04
C LYS C 207 -21.60 22.35 10.74
N PRO C 208 -21.85 21.46 11.69
CA PRO C 208 -21.69 20.02 11.40
C PRO C 208 -22.62 19.61 10.27
N GLY C 209 -22.10 18.77 9.38
CA GLY C 209 -22.89 18.39 8.21
C GLY C 209 -23.10 19.50 7.20
N GLY C 210 -22.38 20.61 7.33
CA GLY C 210 -22.50 21.72 6.41
C GLY C 210 -21.99 21.42 5.02
N PHE C 211 -22.12 22.42 4.15
CA PHE C 211 -21.83 22.25 2.72
C PHE C 211 -20.46 22.86 2.39
N LEU C 212 -19.63 22.07 1.73
CA LEU C 212 -18.39 22.55 1.13
C LEU C 212 -18.55 22.46 -0.38
N VAL C 213 -18.39 23.60 -1.06
CA VAL C 213 -18.54 23.67 -2.52
C VAL C 213 -17.23 24.18 -3.07
N ILE C 214 -16.48 23.31 -3.74
CA ILE C 214 -15.19 23.66 -4.31
C ILE C 214 -15.23 23.40 -5.81
N MET C 215 -14.74 24.37 -6.58
CA MET C 215 -14.48 24.21 -8.00
C MET C 215 -13.09 24.77 -8.28
N ASP C 216 -12.25 23.98 -8.93
CA ASP C 216 -10.86 24.39 -9.12
C ASP C 216 -10.30 23.67 -10.34
N ALA C 217 -9.02 23.91 -10.62
CA ALA C 217 -8.37 23.37 -11.81
C ALA C 217 -7.58 22.12 -11.48
N LEU C 218 -7.47 21.23 -12.46
CA LEU C 218 -6.74 19.98 -12.31
C LEU C 218 -5.41 20.02 -13.07
N LYS C 219 -4.38 19.48 -12.44
CA LYS C 219 -3.03 19.40 -13.01
C LYS C 219 -2.60 20.72 -13.64
N SER C 220 -2.74 21.81 -12.89
CA SER C 220 -2.34 23.12 -13.38
C SER C 220 -1.24 23.66 -12.48
N SER C 221 -0.06 23.90 -13.06
CA SER C 221 1.06 24.43 -12.33
C SER C 221 1.17 25.95 -12.44
N TYR C 222 0.42 26.58 -13.33
CA TYR C 222 0.46 28.03 -13.41
C TYR C 222 -0.78 28.54 -14.11
N TYR C 223 -1.07 29.81 -13.86
CA TYR C 223 -1.97 30.60 -14.68
C TYR C 223 -1.35 31.99 -14.82
N MET C 224 -1.72 32.66 -15.90
CA MET C 224 -1.16 33.94 -16.28
C MET C 224 -2.21 35.04 -16.12
N ILE C 225 -1.74 36.25 -15.83
CA ILE C 225 -2.54 37.45 -16.00
C ILE C 225 -1.74 38.35 -16.93
N GLY C 226 -2.09 38.31 -18.22
CA GLY C 226 -1.26 38.92 -19.21
C GLY C 226 0.08 38.22 -19.29
N GLU C 227 1.15 38.91 -18.89
CA GLU C 227 2.49 38.35 -18.95
C GLU C 227 3.03 37.90 -17.60
N GLN C 228 2.29 38.13 -16.51
CA GLN C 228 2.72 37.76 -15.17
C GLN C 228 2.18 36.39 -14.80
N LYS C 229 3.07 35.50 -14.35
CA LYS C 229 2.77 34.08 -14.15
C LYS C 229 2.61 33.75 -12.67
N PHE C 230 1.50 33.11 -12.32
CA PHE C 230 1.19 32.74 -10.94
C PHE C 230 1.18 31.23 -10.73
N SER C 231 1.53 30.83 -9.51
CA SER C 231 1.66 29.42 -9.15
C SER C 231 0.31 28.78 -8.89
N SER C 232 0.23 27.49 -9.22
CA SER C 232 -0.91 26.65 -8.89
C SER C 232 -0.38 25.30 -8.41
N LEU C 233 -1.01 24.76 -7.39
CA LEU C 233 -0.66 23.40 -7.00
C LEU C 233 -1.26 22.51 -8.08
N PRO C 234 -0.46 21.91 -8.97
CA PRO C 234 -1.05 21.03 -9.99
C PRO C 234 -1.52 19.72 -9.38
N LEU C 235 -2.83 19.61 -9.13
CA LEU C 235 -3.41 18.45 -8.48
C LEU C 235 -4.13 17.57 -9.51
N GLY C 236 -4.12 16.27 -9.25
CA GLY C 236 -4.96 15.34 -9.97
C GLY C 236 -6.28 15.06 -9.24
N ARG C 237 -7.19 14.40 -9.96
CA ARG C 237 -8.46 14.00 -9.35
C ARG C 237 -8.25 13.37 -7.98
N GLU C 238 -7.25 12.49 -7.87
CA GLU C 238 -7.07 11.70 -6.66
C GLU C 238 -6.59 12.54 -5.48
N ALA C 239 -5.76 13.56 -5.73
CA ALA C 239 -5.28 14.39 -4.63
C ALA C 239 -6.43 15.09 -3.92
N VAL C 240 -7.35 15.68 -4.68
CA VAL C 240 -8.44 16.42 -4.08
C VAL C 240 -9.37 15.48 -3.32
N GLU C 241 -9.73 14.36 -3.92
CA GLU C 241 -10.54 13.35 -3.24
C GLU C 241 -9.92 12.95 -1.91
N ALA C 242 -8.61 12.70 -1.90
CA ALA C 242 -7.92 12.25 -0.69
C ALA C 242 -7.67 13.40 0.28
N ALA C 243 -7.23 14.56 -0.22
CA ALA C 243 -7.08 15.72 0.67
C ALA C 243 -8.41 16.02 1.35
N VAL C 244 -9.50 15.94 0.61
CA VAL C 244 -10.80 16.31 1.16
C VAL C 244 -11.28 15.27 2.16
N LYS C 245 -11.12 13.99 1.83
CA LYS C 245 -11.63 12.95 2.72
C LYS C 245 -10.85 12.92 4.01
N GLU C 246 -9.54 13.10 3.95
CA GLU C 246 -8.70 13.10 5.13
C GLU C 246 -8.79 14.39 5.92
N ALA C 247 -9.27 15.47 5.30
CA ALA C 247 -9.57 16.72 6.00
C ALA C 247 -10.85 16.64 6.82
N GLY C 248 -11.65 15.60 6.65
CA GLY C 248 -12.85 15.44 7.41
C GLY C 248 -14.13 15.80 6.71
N TYR C 249 -14.20 15.61 5.40
CA TYR C 249 -15.45 15.78 4.66
C TYR C 249 -15.81 14.44 4.04
N THR C 250 -17.08 14.34 3.69
CA THR C 250 -17.59 13.24 2.89
C THR C 250 -18.15 13.85 1.61
N ILE C 251 -17.85 13.22 0.49
CA ILE C 251 -18.11 13.81 -0.82
C ILE C 251 -19.52 13.46 -1.28
N GLU C 252 -20.33 14.49 -1.50
CA GLU C 252 -21.67 14.30 -2.00
C GLU C 252 -21.67 14.13 -3.49
N TRP C 253 -20.78 14.84 -4.16
CA TRP C 253 -20.74 14.77 -5.61
C TRP C 253 -19.38 15.29 -6.11
N PHE C 254 -18.80 14.60 -7.09
CA PHE C 254 -17.48 14.94 -7.60
C PHE C 254 -17.52 14.83 -9.12
N GLU C 255 -17.17 15.92 -9.80
CA GLU C 255 -17.20 15.98 -11.24
C GLU C 255 -15.90 16.55 -11.79
N VAL C 256 -15.56 16.12 -12.99
CA VAL C 256 -14.35 16.57 -13.69
C VAL C 256 -14.72 16.81 -15.15
N ILE C 257 -14.29 17.94 -15.71
CA ILE C 257 -14.59 18.24 -17.10
C ILE C 257 -13.28 18.32 -17.88
N SER C 258 -13.36 17.93 -19.16
CA SER C 258 -12.19 17.97 -20.02
C SER C 258 -11.78 19.41 -20.35
N GLN C 259 -12.76 20.31 -20.43
CA GLN C 259 -12.52 21.66 -20.93
C GLN C 259 -11.35 22.30 -20.19
N SER C 260 -10.48 22.99 -20.93
CA SER C 260 -9.28 23.59 -20.36
C SER C 260 -9.19 25.05 -20.81
N TYR C 261 -8.48 25.84 -20.01
CA TYR C 261 -8.12 27.20 -20.40
C TYR C 261 -7.17 27.17 -21.59
N SER C 262 -7.17 28.24 -22.36
CA SER C 262 -6.18 28.33 -23.42
C SER C 262 -4.80 28.34 -22.79
N SER C 263 -3.87 27.58 -23.39
CA SER C 263 -2.56 27.41 -22.78
C SER C 263 -1.84 28.74 -22.58
N THR C 264 -2.19 29.76 -23.37
CA THR C 264 -1.62 31.08 -23.15
C THR C 264 -1.97 31.60 -21.77
N MET C 265 -3.05 31.10 -21.19
CA MET C 265 -3.57 31.59 -19.92
C MET C 265 -3.44 30.60 -18.78
N ALA C 266 -3.63 29.30 -19.02
CA ALA C 266 -3.41 28.32 -17.98
C ALA C 266 -3.06 26.97 -18.60
N ASN C 267 -2.21 26.21 -17.92
CA ASN C 267 -1.82 24.88 -18.36
C ASN C 267 -2.55 23.80 -17.55
N ASN C 268 -3.81 24.04 -17.22
CA ASN C 268 -4.62 23.01 -16.58
C ASN C 268 -5.00 21.95 -17.61
N GLU C 269 -5.31 20.77 -17.10
CA GLU C 269 -5.97 19.71 -17.86
C GLU C 269 -7.38 19.48 -17.28
N GLY C 270 -8.26 20.41 -17.57
CA GLY C 270 -9.63 20.32 -17.10
C GLY C 270 -9.85 20.93 -15.73
N LEU C 271 -11.09 20.77 -15.25
CA LEU C 271 -11.52 21.27 -13.95
C LEU C 271 -12.20 20.14 -13.19
N PHE C 272 -12.36 20.36 -11.88
CA PHE C 272 -13.21 19.50 -11.06
C PHE C 272 -14.18 20.38 -10.29
N SER C 273 -15.26 19.77 -9.84
CA SER C 273 -16.28 20.46 -9.08
C SER C 273 -16.88 19.46 -8.12
N LEU C 274 -16.91 19.80 -6.84
CA LEU C 274 -17.35 18.86 -5.82
C LEU C 274 -18.29 19.54 -4.85
N VAL C 275 -19.09 18.71 -4.18
CA VAL C 275 -19.95 19.10 -3.07
C VAL C 275 -19.71 18.10 -1.95
N ALA C 276 -19.30 18.60 -0.78
CA ALA C 276 -19.03 17.74 0.35
C ALA C 276 -19.71 18.30 1.58
N ARG C 277 -19.82 17.47 2.61
CA ARG C 277 -20.42 17.83 3.87
C ARG C 277 -19.41 17.60 4.98
N LYS C 278 -19.26 18.58 5.86
CA LYS C 278 -18.43 18.39 7.05
C LYS C 278 -18.97 17.21 7.83
N LEU C 279 -18.14 16.20 8.04
CA LEU C 279 -18.62 15.03 8.77
C LEU C 279 -18.51 15.28 10.27
N SER D 22 -36.66 -38.38 -16.27
CA SER D 22 -35.21 -38.29 -16.30
C SER D 22 -34.67 -37.78 -14.97
N GLY D 23 -34.79 -36.47 -14.76
CA GLY D 23 -34.46 -35.86 -13.49
C GLY D 23 -33.01 -36.00 -13.06
N PHE D 24 -32.68 -35.39 -11.91
CA PHE D 24 -31.34 -35.50 -11.35
C PHE D 24 -31.21 -36.88 -10.71
N THR D 25 -30.14 -37.60 -11.07
CA THR D 25 -30.01 -39.00 -10.66
C THR D 25 -30.24 -39.18 -9.17
N SER D 26 -31.27 -39.97 -8.84
CA SER D 26 -31.57 -40.27 -7.45
C SER D 26 -30.46 -41.12 -6.83
N LYS D 27 -30.27 -40.98 -5.52
CA LYS D 27 -29.25 -41.76 -4.84
C LYS D 27 -29.62 -43.24 -4.74
N ASP D 28 -30.90 -43.59 -4.84
CA ASP D 28 -31.23 -45.00 -4.86
C ASP D 28 -30.67 -45.68 -6.10
N THR D 29 -30.43 -44.93 -7.18
CA THR D 29 -29.75 -45.46 -8.35
C THR D 29 -28.26 -45.63 -8.11
N TYR D 30 -27.68 -44.89 -7.14
CA TYR D 30 -26.30 -45.14 -6.75
C TYR D 30 -26.19 -46.49 -6.06
N LEU D 31 -27.27 -46.97 -5.44
CA LEU D 31 -27.33 -48.34 -4.96
C LEU D 31 -27.69 -49.33 -6.06
N SER D 32 -28.22 -48.86 -7.18
CA SER D 32 -28.59 -49.76 -8.27
C SER D 32 -27.46 -49.89 -9.29
N HIS D 33 -27.11 -48.77 -9.92
CA HIS D 33 -26.32 -48.81 -11.14
C HIS D 33 -24.96 -48.13 -11.02
N PHE D 34 -24.52 -47.78 -9.82
CA PHE D 34 -23.15 -47.34 -9.63
C PHE D 34 -22.34 -48.58 -9.30
N ASN D 35 -21.56 -49.03 -10.28
CA ASN D 35 -20.65 -50.16 -10.14
C ASN D 35 -19.29 -49.59 -9.72
N PRO D 36 -18.90 -49.69 -8.45
CA PRO D 36 -17.64 -49.05 -8.06
C PRO D 36 -16.43 -49.55 -8.84
N ARG D 37 -16.34 -50.86 -9.09
CA ARG D 37 -15.19 -51.39 -9.83
C ARG D 37 -15.17 -50.92 -11.27
N ASP D 38 -16.33 -50.70 -11.88
CA ASP D 38 -16.35 -50.05 -13.19
C ASP D 38 -15.83 -48.62 -13.10
N TYR D 39 -16.22 -47.90 -12.05
CA TYR D 39 -15.71 -46.55 -11.84
C TYR D 39 -14.20 -46.58 -11.61
N LEU D 40 -13.72 -47.50 -10.76
CA LEU D 40 -12.29 -47.57 -10.47
C LEU D 40 -11.49 -47.78 -11.75
N GLU D 41 -11.90 -48.72 -12.59
CA GLU D 41 -11.12 -49.00 -13.79
C GLU D 41 -11.24 -47.88 -14.81
N LYS D 42 -12.33 -47.10 -14.77
CA LYS D 42 -12.56 -46.07 -15.78
C LYS D 42 -11.92 -44.73 -15.42
N TYR D 43 -11.74 -44.43 -14.12
CA TYR D 43 -11.25 -43.13 -13.68
C TYR D 43 -9.92 -43.16 -12.95
N TYR D 44 -9.50 -44.29 -12.40
CA TYR D 44 -8.27 -44.37 -11.62
C TYR D 44 -7.40 -45.52 -12.09
N LYS D 45 -7.53 -45.90 -13.37
CA LYS D 45 -6.64 -46.89 -13.97
C LYS D 45 -5.18 -46.49 -13.82
N PHE D 46 -4.84 -45.27 -14.24
CA PHE D 46 -3.47 -44.78 -14.17
C PHE D 46 -2.55 -45.62 -15.07
N GLY D 47 -3.11 -46.19 -16.14
CA GLY D 47 -2.36 -47.06 -17.03
C GLY D 47 -1.38 -46.32 -17.92
N SER D 48 -1.88 -45.37 -18.70
CA SER D 48 -1.07 -44.35 -19.34
C SER D 48 -1.25 -43.05 -18.55
N ARG D 49 -0.13 -42.41 -18.18
CA ARG D 49 -0.17 -41.24 -17.30
C ARG D 49 -0.58 -39.95 -17.99
N HIS D 50 -0.51 -39.87 -19.32
CA HIS D 50 -1.00 -38.70 -20.04
C HIS D 50 -2.41 -38.90 -20.59
N SER D 51 -3.19 -39.72 -19.89
CA SER D 51 -4.64 -39.72 -20.05
C SER D 51 -5.21 -38.46 -19.40
N ALA D 52 -6.39 -38.04 -19.88
CA ALA D 52 -7.04 -36.88 -19.26
C ALA D 52 -7.34 -37.15 -17.80
N GLU D 53 -7.85 -38.34 -17.50
CA GLU D 53 -8.13 -38.74 -16.12
C GLU D 53 -6.85 -38.78 -15.29
N SER D 54 -5.73 -39.16 -15.90
CA SER D 54 -4.47 -39.16 -15.16
C SER D 54 -4.03 -37.73 -14.90
N GLN D 55 -4.23 -36.85 -15.87
CA GLN D 55 -3.88 -35.44 -15.69
C GLN D 55 -4.64 -34.86 -14.51
N ILE D 56 -5.95 -35.12 -14.44
CA ILE D 56 -6.75 -34.66 -13.32
C ILE D 56 -6.24 -35.26 -12.02
N LEU D 57 -6.08 -36.59 -12.00
CA LEU D 57 -5.55 -37.23 -10.80
C LEU D 57 -4.20 -36.63 -10.42
N LYS D 58 -3.43 -36.16 -11.41
CA LYS D 58 -2.14 -35.53 -11.11
C LYS D 58 -2.31 -34.41 -10.11
N HIS D 59 -3.14 -33.43 -10.50
CA HIS D 59 -3.31 -32.23 -9.70
C HIS D 59 -4.02 -32.54 -8.40
N LEU D 60 -5.04 -33.39 -8.45
CA LEU D 60 -5.67 -33.86 -7.22
C LEU D 60 -4.61 -34.32 -6.22
N LEU D 61 -3.72 -35.20 -6.66
CA LEU D 61 -2.69 -35.73 -5.76
C LEU D 61 -1.73 -34.62 -5.30
N LYS D 62 -1.37 -33.71 -6.20
CA LYS D 62 -0.44 -32.64 -5.84
C LYS D 62 -1.05 -31.71 -4.80
N ASN D 63 -2.29 -31.27 -5.06
CA ASN D 63 -2.95 -30.34 -4.16
C ASN D 63 -3.12 -30.94 -2.77
N LEU D 64 -3.57 -32.20 -2.70
CA LEU D 64 -3.72 -32.85 -1.41
C LEU D 64 -2.38 -32.88 -0.68
N PHE D 65 -1.31 -33.23 -1.39
CA PHE D 65 0.01 -33.23 -0.77
C PHE D 65 0.34 -31.86 -0.19
N LYS D 66 0.08 -30.79 -0.94
CA LYS D 66 0.34 -29.46 -0.42
C LYS D 66 -0.53 -29.18 0.79
N ILE D 67 -1.82 -29.48 0.68
CA ILE D 67 -2.76 -29.20 1.76
C ILE D 67 -2.33 -29.94 3.03
N PHE D 68 -1.90 -31.19 2.89
CA PHE D 68 -1.63 -32.01 4.05
C PHE D 68 -0.15 -32.11 4.43
N CYS D 69 0.80 -31.83 3.53
CA CYS D 69 2.21 -32.03 3.85
C CYS D 69 3.09 -30.78 3.80
N LEU D 70 2.62 -29.68 3.21
CA LEU D 70 3.39 -28.45 3.25
C LEU D 70 2.65 -27.32 3.98
N ASP D 71 1.33 -27.29 3.86
CA ASP D 71 0.51 -26.45 4.71
C ASP D 71 0.35 -27.13 6.08
N GLY D 72 -0.33 -26.42 6.99
CA GLY D 72 -0.51 -26.97 8.32
C GLY D 72 -1.38 -28.21 8.36
N VAL D 73 -2.47 -28.22 7.60
CA VAL D 73 -3.67 -29.00 7.91
C VAL D 73 -3.31 -30.35 8.50
N LYS D 74 -3.72 -30.57 9.74
CA LYS D 74 -3.35 -31.72 10.54
C LYS D 74 -4.22 -31.75 11.78
N GLY D 75 -4.20 -32.87 12.49
CA GLY D 75 -4.95 -32.96 13.73
C GLY D 75 -5.13 -34.42 14.16
N ASP D 76 -6.20 -34.66 14.92
CA ASP D 76 -6.48 -35.98 15.46
C ASP D 76 -7.45 -36.78 14.59
N LEU D 77 -8.61 -36.22 14.26
CA LEU D 77 -9.65 -36.95 13.53
C LEU D 77 -9.95 -36.23 12.21
N LEU D 78 -9.98 -37.00 11.12
CA LEU D 78 -10.40 -36.52 9.82
C LEU D 78 -11.56 -37.36 9.30
N ILE D 79 -12.65 -36.70 8.90
CA ILE D 79 -13.82 -37.37 8.34
C ILE D 79 -13.85 -37.10 6.84
N ASP D 80 -13.77 -38.17 6.06
CA ASP D 80 -13.94 -38.08 4.60
C ASP D 80 -15.40 -38.31 4.24
N ILE D 81 -15.95 -37.42 3.42
CA ILE D 81 -17.34 -37.46 3.05
C ILE D 81 -17.43 -37.96 1.62
N GLY D 82 -18.31 -38.93 1.37
CA GLY D 82 -18.45 -39.50 0.04
C GLY D 82 -17.19 -40.15 -0.47
N SER D 83 -16.50 -40.92 0.37
CA SER D 83 -15.21 -41.49 -0.02
C SER D 83 -15.29 -42.36 -1.26
N GLY D 84 -16.48 -42.87 -1.59
CA GLY D 84 -16.64 -43.85 -2.64
C GLY D 84 -15.78 -45.08 -2.40
N PRO D 85 -15.25 -45.67 -3.48
CA PRO D 85 -14.33 -46.81 -3.32
C PRO D 85 -12.88 -46.42 -3.53
N THR D 86 -12.58 -45.14 -3.37
CA THR D 86 -11.26 -44.61 -3.65
C THR D 86 -10.51 -44.30 -2.36
N ILE D 87 -9.18 -44.39 -2.43
CA ILE D 87 -8.32 -44.10 -1.30
C ILE D 87 -7.20 -43.13 -1.66
N TYR D 88 -7.09 -42.72 -2.92
CA TYR D 88 -6.09 -41.74 -3.28
C TYR D 88 -6.28 -40.48 -2.44
N GLN D 89 -7.53 -40.11 -2.16
CA GLN D 89 -7.78 -38.87 -1.42
C GLN D 89 -7.25 -38.90 0.01
N LEU D 90 -6.75 -40.05 0.48
CA LEU D 90 -6.29 -40.18 1.85
C LEU D 90 -4.80 -40.47 1.98
N LEU D 91 -4.04 -40.50 0.89
CA LEU D 91 -2.65 -40.93 0.96
C LEU D 91 -1.76 -39.90 1.66
N SER D 92 -1.80 -38.64 1.22
CA SER D 92 -1.07 -37.61 1.96
C SER D 92 -1.71 -37.34 3.31
N ALA D 93 -3.02 -37.58 3.41
CA ALA D 93 -3.80 -37.20 4.60
C ALA D 93 -3.51 -38.07 5.82
N CYS D 94 -3.18 -39.35 5.63
CA CYS D 94 -2.93 -40.21 6.78
C CYS D 94 -1.63 -39.91 7.50
N GLU D 95 -0.72 -39.12 6.90
CA GLU D 95 0.49 -38.71 7.60
C GLU D 95 0.23 -37.60 8.61
N SER D 96 -0.91 -36.91 8.50
CA SER D 96 -1.19 -35.74 9.32
C SER D 96 -2.34 -35.99 10.29
N PHE D 97 -3.07 -37.08 10.13
CA PHE D 97 -4.25 -37.34 10.94
C PHE D 97 -4.14 -38.74 11.52
N LYS D 98 -4.35 -38.84 12.84
CA LYS D 98 -4.14 -40.11 13.54
C LYS D 98 -5.20 -41.13 13.19
N GLU D 99 -6.44 -40.72 12.96
CA GLU D 99 -7.51 -41.65 12.65
C GLU D 99 -8.30 -41.15 11.45
N ILE D 100 -8.72 -42.09 10.61
CA ILE D 100 -9.44 -41.80 9.38
C ILE D 100 -10.79 -42.50 9.42
N VAL D 101 -11.85 -41.75 9.14
CA VAL D 101 -13.21 -42.29 9.00
C VAL D 101 -13.69 -42.00 7.59
N VAL D 102 -13.93 -43.05 6.81
CA VAL D 102 -14.40 -42.92 5.44
C VAL D 102 -15.89 -43.18 5.40
N THR D 103 -16.64 -42.30 4.75
CA THR D 103 -18.10 -42.42 4.74
C THR D 103 -18.60 -42.37 3.30
N ASP D 104 -19.87 -42.74 3.15
CA ASP D 104 -20.49 -42.80 1.85
C ASP D 104 -21.97 -43.05 2.04
N TYR D 105 -22.76 -42.67 1.04
CA TYR D 105 -24.18 -43.01 1.12
C TYR D 105 -24.40 -44.43 0.69
N SER D 106 -23.55 -44.87 -0.21
CA SER D 106 -23.76 -46.09 -0.95
C SER D 106 -22.83 -47.20 -0.54
N ASP D 107 -23.42 -48.23 0.08
CA ASP D 107 -22.63 -49.38 0.48
C ASP D 107 -22.03 -50.11 -0.72
N GLN D 108 -22.53 -49.89 -1.92
CA GLN D 108 -21.89 -50.51 -3.06
C GLN D 108 -20.41 -50.09 -3.09
N ASN D 109 -20.12 -48.89 -2.57
CA ASN D 109 -18.77 -48.38 -2.52
C ASN D 109 -18.03 -48.80 -1.27
N LEU D 110 -18.71 -48.87 -0.12
CA LEU D 110 -17.97 -49.02 1.13
C LEU D 110 -17.33 -50.40 1.27
N GLN D 111 -17.90 -51.46 0.71
CA GLN D 111 -17.12 -52.69 0.82
C GLN D 111 -16.06 -52.79 -0.28
N GLU D 112 -16.31 -52.23 -1.48
CA GLU D 112 -15.24 -52.17 -2.47
C GLU D 112 -14.05 -51.40 -1.92
N LEU D 113 -14.32 -50.41 -1.07
CA LEU D 113 -13.24 -49.76 -0.33
C LEU D 113 -12.61 -50.73 0.67
N GLU D 114 -13.45 -51.43 1.45
CA GLU D 114 -12.95 -52.31 2.50
C GLU D 114 -12.09 -53.45 1.96
N LYS D 115 -12.37 -53.95 0.74
CA LYS D 115 -11.51 -55.00 0.17
C LYS D 115 -10.05 -54.58 0.14
N TRP D 116 -9.78 -53.33 -0.20
CA TRP D 116 -8.39 -52.90 -0.28
C TRP D 116 -7.80 -52.71 1.11
N LEU D 117 -8.62 -52.29 2.08
CA LEU D 117 -8.18 -52.17 3.46
C LEU D 117 -7.95 -53.54 4.10
N LYS D 118 -8.76 -54.53 3.73
CA LYS D 118 -8.51 -55.90 4.19
C LYS D 118 -7.29 -56.51 3.53
N ALA D 119 -6.76 -55.88 2.49
CA ALA D 119 -5.65 -56.44 1.70
C ALA D 119 -6.05 -57.73 1.00
N ALA D 120 -7.28 -57.78 0.49
CA ALA D 120 -7.72 -58.91 -0.31
C ALA D 120 -7.04 -58.88 -1.68
N PRO D 121 -6.63 -60.03 -2.22
CA PRO D 121 -5.88 -59.99 -3.49
C PRO D 121 -6.65 -59.34 -4.62
N ALA D 122 -7.97 -59.53 -4.65
CA ALA D 122 -8.85 -58.99 -5.68
C ALA D 122 -9.03 -57.48 -5.59
N ALA D 123 -8.66 -56.85 -4.48
CA ALA D 123 -8.92 -55.44 -4.28
C ALA D 123 -8.42 -54.64 -5.47
N PHE D 124 -8.86 -53.40 -5.61
CA PHE D 124 -8.31 -52.55 -6.65
C PHE D 124 -6.84 -52.28 -6.37
N ASP D 125 -6.06 -52.12 -7.43
CA ASP D 125 -4.62 -51.93 -7.31
C ASP D 125 -4.32 -50.44 -7.39
N TRP D 126 -4.05 -49.84 -6.23
CA TRP D 126 -3.58 -48.47 -6.13
C TRP D 126 -2.06 -48.37 -6.17
N SER D 127 -1.39 -49.44 -6.61
CA SER D 127 0.06 -49.55 -6.70
C SER D 127 0.68 -48.27 -7.27
N PRO D 128 0.36 -47.89 -8.51
CA PRO D 128 0.98 -46.68 -9.06
C PRO D 128 0.55 -45.40 -8.37
N VAL D 129 -0.71 -45.31 -7.94
CA VAL D 129 -1.17 -44.12 -7.21
C VAL D 129 -0.43 -43.97 -5.90
N VAL D 130 -0.21 -45.08 -5.18
CA VAL D 130 0.51 -45.00 -3.91
C VAL D 130 1.94 -44.54 -4.14
N THR D 131 2.57 -45.03 -5.22
CA THR D 131 3.95 -44.68 -5.50
C THR D 131 4.11 -43.19 -5.81
N TYR D 132 3.21 -42.63 -6.61
CA TYR D 132 3.33 -41.24 -7.04
C TYR D 132 3.22 -40.27 -5.86
N VAL D 133 2.44 -40.63 -4.84
CA VAL D 133 2.38 -39.80 -3.64
C VAL D 133 3.68 -39.93 -2.88
N CYS D 134 4.29 -41.12 -2.93
CA CYS D 134 5.60 -41.33 -2.34
C CYS D 134 6.63 -40.40 -2.98
N ASP D 135 6.54 -40.23 -4.31
CA ASP D 135 7.44 -39.29 -4.98
C ASP D 135 7.23 -37.86 -4.48
N LEU D 136 5.96 -37.46 -4.31
CA LEU D 136 5.70 -36.12 -3.78
C LEU D 136 6.31 -35.93 -2.40
N GLU D 137 6.25 -36.96 -1.56
CA GLU D 137 6.70 -36.84 -0.18
C GLU D 137 8.19 -37.14 -0.03
N GLY D 138 8.93 -37.16 -1.14
CA GLY D 138 10.38 -37.28 -1.12
C GLY D 138 10.92 -38.69 -1.13
N ASN D 139 10.06 -39.70 -1.24
CA ASN D 139 10.48 -41.10 -1.13
C ASN D 139 10.99 -41.44 0.25
N ARG D 140 10.46 -40.77 1.28
CA ARG D 140 10.76 -41.18 2.64
C ARG D 140 10.46 -42.67 2.82
N VAL D 141 9.36 -43.14 2.24
CA VAL D 141 8.95 -44.53 2.29
C VAL D 141 8.70 -45.03 0.87
N LYS D 142 8.52 -46.34 0.74
CA LYS D 142 8.02 -46.97 -0.47
C LYS D 142 6.57 -47.38 -0.26
N GLY D 143 5.96 -47.92 -1.32
CA GLY D 143 4.55 -48.23 -1.35
C GLY D 143 3.99 -48.92 -0.12
N PRO D 144 4.38 -50.19 0.09
CA PRO D 144 3.73 -50.98 1.17
C PRO D 144 3.68 -50.25 2.50
N GLU D 145 4.75 -49.51 2.83
CA GLU D 145 4.80 -48.81 4.10
C GLU D 145 3.79 -47.66 4.15
N LYS D 146 3.71 -46.85 3.09
CA LYS D 146 2.67 -45.83 3.06
C LYS D 146 1.29 -46.46 3.08
N GLU D 147 1.04 -47.42 2.19
CA GLU D 147 -0.28 -48.05 2.12
C GLU D 147 -0.71 -48.63 3.46
N GLU D 148 0.17 -49.39 4.12
CA GLU D 148 -0.30 -49.99 5.37
C GLU D 148 -0.44 -48.96 6.47
N LYS D 149 0.34 -47.86 6.42
CA LYS D 149 0.09 -46.81 7.40
C LYS D 149 -1.32 -46.26 7.25
N LEU D 150 -1.75 -46.03 6.02
CA LEU D 150 -3.11 -45.55 5.80
C LEU D 150 -4.13 -46.54 6.37
N ARG D 151 -3.95 -47.82 6.08
CA ARG D 151 -4.90 -48.83 6.50
C ARG D 151 -5.12 -48.82 8.00
N GLN D 152 -4.03 -48.56 8.76
CA GLN D 152 -4.16 -48.47 10.22
C GLN D 152 -4.93 -47.23 10.61
N ALA D 153 -4.78 -46.13 9.88
CA ALA D 153 -5.45 -44.90 10.25
C ALA D 153 -6.96 -45.00 10.04
N VAL D 154 -7.35 -45.60 8.91
CA VAL D 154 -8.78 -45.77 8.61
C VAL D 154 -9.40 -46.70 9.65
N LYS D 155 -10.19 -46.13 10.54
CA LYS D 155 -10.74 -46.85 11.68
C LYS D 155 -12.24 -47.11 11.59
N GLN D 156 -12.91 -46.59 10.56
CA GLN D 156 -14.34 -46.85 10.43
C GLN D 156 -14.77 -46.59 8.99
N VAL D 157 -15.80 -47.32 8.56
CA VAL D 157 -16.45 -47.09 7.26
C VAL D 157 -17.94 -46.97 7.57
N LEU D 158 -18.48 -45.77 7.46
CA LEU D 158 -19.82 -45.47 7.95
C LEU D 158 -20.73 -45.05 6.81
N LYS D 159 -22.01 -45.39 6.94
CA LYS D 159 -23.02 -44.87 6.02
C LYS D 159 -23.18 -43.38 6.21
N CYS D 160 -23.26 -42.67 5.09
CA CYS D 160 -23.17 -41.23 5.07
C CYS D 160 -24.24 -40.69 4.15
N ASP D 161 -24.73 -39.50 4.47
CA ASP D 161 -25.73 -38.84 3.65
C ASP D 161 -25.59 -37.35 3.91
N VAL D 162 -25.09 -36.62 2.90
CA VAL D 162 -24.80 -35.21 3.08
C VAL D 162 -26.07 -34.37 3.16
N THR D 163 -27.21 -34.90 2.77
CA THR D 163 -28.45 -34.14 2.73
C THR D 163 -29.20 -34.13 4.05
N GLN D 164 -28.68 -34.76 5.09
CA GLN D 164 -29.39 -34.84 6.35
C GLN D 164 -28.71 -33.99 7.41
N SER D 165 -29.53 -33.48 8.34
CA SER D 165 -29.01 -32.68 9.45
C SER D 165 -27.87 -33.40 10.15
N GLN D 166 -28.04 -34.69 10.41
CA GLN D 166 -26.98 -35.50 10.99
C GLN D 166 -26.41 -36.39 9.89
N PRO D 167 -25.31 -36.00 9.25
CA PRO D 167 -24.84 -36.73 8.07
C PRO D 167 -24.55 -38.19 8.32
N LEU D 168 -23.94 -38.52 9.46
CA LEU D 168 -23.54 -39.89 9.76
C LEU D 168 -24.55 -40.62 10.64
N GLY D 169 -25.78 -40.12 10.72
CA GLY D 169 -26.84 -40.82 11.45
C GLY D 169 -26.71 -40.69 12.95
N ALA D 170 -26.82 -41.83 13.65
CA ALA D 170 -26.79 -41.85 15.11
C ALA D 170 -25.40 -42.17 15.66
N VAL D 171 -24.44 -42.48 14.80
CA VAL D 171 -23.07 -42.81 15.19
C VAL D 171 -22.35 -41.60 15.77
N PRO D 172 -21.87 -41.66 17.00
CA PRO D 172 -21.16 -40.52 17.57
C PRO D 172 -19.71 -40.49 17.11
N LEU D 173 -19.21 -39.29 16.93
CA LEU D 173 -17.80 -39.07 16.64
C LEU D 173 -17.39 -37.83 17.42
N PRO D 174 -16.14 -37.77 17.85
CA PRO D 174 -15.63 -36.54 18.42
C PRO D 174 -15.62 -35.45 17.37
N PRO D 175 -15.67 -34.19 17.76
CA PRO D 175 -15.60 -33.12 16.75
C PRO D 175 -14.36 -33.32 15.89
N ALA D 176 -14.55 -33.41 14.57
CA ALA D 176 -13.43 -33.67 13.68
C ALA D 176 -12.59 -32.43 13.49
N ASP D 177 -11.28 -32.62 13.40
CA ASP D 177 -10.41 -31.52 13.01
C ASP D 177 -10.54 -31.21 11.53
N CYS D 178 -10.95 -32.18 10.72
CA CYS D 178 -11.07 -31.94 9.29
C CYS D 178 -12.14 -32.85 8.71
N VAL D 179 -12.87 -32.33 7.73
CA VAL D 179 -13.77 -33.11 6.89
C VAL D 179 -13.36 -32.89 5.44
N LEU D 180 -13.31 -33.97 4.69
CA LEU D 180 -12.86 -33.98 3.30
C LEU D 180 -13.95 -34.54 2.41
N SER D 181 -14.01 -34.03 1.18
CA SER D 181 -14.97 -34.53 0.20
C SER D 181 -14.46 -34.20 -1.18
N THR D 182 -14.11 -35.24 -1.95
CA THR D 182 -13.61 -35.08 -3.29
C THR D 182 -14.66 -35.60 -4.27
N LEU D 183 -15.11 -34.74 -5.17
CA LEU D 183 -15.95 -35.11 -6.31
C LEU D 183 -17.31 -35.67 -5.89
N CYS D 184 -17.77 -35.36 -4.68
CA CYS D 184 -19.03 -35.88 -4.18
C CYS D 184 -20.18 -34.90 -4.29
N LEU D 185 -20.00 -33.68 -3.76
CA LEU D 185 -21.15 -32.80 -3.57
C LEU D 185 -21.84 -32.46 -4.89
N ASP D 186 -21.08 -32.14 -5.95
CA ASP D 186 -21.72 -31.92 -7.24
C ASP D 186 -22.63 -33.08 -7.62
N ALA D 187 -22.21 -34.30 -7.29
CA ALA D 187 -22.97 -35.47 -7.70
C ALA D 187 -24.20 -35.68 -6.81
N ALA D 188 -24.13 -35.27 -5.54
CA ALA D 188 -25.18 -35.55 -4.58
C ALA D 188 -26.22 -34.44 -4.47
N CYS D 189 -25.92 -33.22 -4.90
CA CYS D 189 -26.85 -32.11 -4.71
C CYS D 189 -27.46 -31.67 -6.03
N PRO D 190 -28.78 -31.86 -6.20
CA PRO D 190 -29.44 -31.54 -7.48
C PRO D 190 -29.67 -30.07 -7.72
N ASP D 191 -29.52 -29.22 -6.71
CA ASP D 191 -29.77 -27.78 -6.84
C ASP D 191 -28.78 -27.06 -5.96
N LEU D 192 -28.76 -25.73 -6.05
CA LEU D 192 -27.78 -25.00 -5.25
C LEU D 192 -28.17 -24.97 -3.78
N PRO D 193 -29.45 -24.77 -3.45
CA PRO D 193 -29.85 -24.77 -2.02
C PRO D 193 -29.62 -26.10 -1.32
N THR D 194 -29.78 -27.23 -2.03
CA THR D 194 -29.35 -28.50 -1.45
C THR D 194 -27.84 -28.47 -1.19
N TYR D 195 -27.07 -27.81 -2.08
CA TYR D 195 -25.64 -27.69 -1.87
C TYR D 195 -25.32 -26.95 -0.58
N CYS D 196 -25.92 -25.77 -0.39
CA CYS D 196 -25.62 -24.99 0.81
C CYS D 196 -26.04 -25.73 2.07
N ARG D 197 -27.18 -26.42 2.01
CA ARG D 197 -27.66 -27.18 3.16
C ARG D 197 -26.74 -28.36 3.47
N ALA D 198 -26.12 -28.94 2.45
CA ALA D 198 -25.22 -30.08 2.67
C ALA D 198 -23.94 -29.65 3.36
N LEU D 199 -23.37 -28.50 2.96
CA LEU D 199 -22.18 -27.97 3.61
C LEU D 199 -22.45 -27.53 5.04
N ARG D 200 -23.70 -27.20 5.37
CA ARG D 200 -24.05 -26.92 6.76
C ARG D 200 -24.16 -28.22 7.56
N ASN D 201 -24.71 -29.27 6.95
CA ASN D 201 -24.73 -30.57 7.60
C ASN D 201 -23.31 -31.04 7.90
N LEU D 202 -22.40 -30.87 6.93
CA LEU D 202 -21.01 -31.26 7.15
C LEU D 202 -20.41 -30.48 8.31
N GLY D 203 -20.69 -29.18 8.39
CA GLY D 203 -20.27 -28.42 9.54
C GLY D 203 -20.79 -28.99 10.84
N SER D 204 -21.88 -29.74 10.79
CA SER D 204 -22.36 -30.44 11.98
C SER D 204 -21.29 -31.36 12.55
N LEU D 205 -20.32 -31.75 11.74
CA LEU D 205 -19.26 -32.67 12.13
C LEU D 205 -17.93 -31.98 12.43
N LEU D 206 -17.86 -30.66 12.29
CA LEU D 206 -16.61 -29.92 12.38
C LEU D 206 -16.57 -29.11 13.67
N LYS D 207 -15.41 -29.10 14.34
CA LYS D 207 -15.22 -28.16 15.43
C LYS D 207 -15.28 -26.74 14.88
N PRO D 208 -15.54 -25.76 15.74
CA PRO D 208 -15.42 -24.37 15.31
C PRO D 208 -13.98 -24.09 14.89
N GLY D 209 -13.81 -23.37 13.79
CA GLY D 209 -12.49 -23.16 13.25
C GLY D 209 -11.84 -24.37 12.62
N GLY D 210 -12.59 -25.45 12.43
CA GLY D 210 -12.06 -26.64 11.78
C GLY D 210 -11.82 -26.45 10.29
N PHE D 211 -11.23 -27.49 9.69
CA PHE D 211 -10.85 -27.46 8.27
C PHE D 211 -11.84 -28.22 7.41
N LEU D 212 -12.30 -27.57 6.36
CA LEU D 212 -13.10 -28.19 5.31
C LEU D 212 -12.29 -28.18 4.02
N VAL D 213 -12.10 -29.35 3.42
CA VAL D 213 -11.34 -29.46 2.17
C VAL D 213 -12.22 -30.14 1.13
N ILE D 214 -12.61 -29.37 0.10
CA ILE D 214 -13.43 -29.86 -1.00
C ILE D 214 -12.65 -29.66 -2.29
N MET D 215 -12.67 -30.69 -3.13
CA MET D 215 -12.22 -30.61 -4.51
C MET D 215 -13.30 -31.28 -5.36
N ASP D 216 -13.79 -30.59 -6.38
CA ASP D 216 -14.89 -31.11 -7.20
C ASP D 216 -14.80 -30.45 -8.57
N ALA D 217 -15.79 -30.74 -9.41
CA ALA D 217 -15.78 -30.30 -10.80
C ALA D 217 -16.58 -29.02 -10.98
N LEU D 218 -16.21 -28.26 -12.02
CA LEU D 218 -16.87 -27.01 -12.36
C LEU D 218 -17.72 -27.18 -13.62
N LYS D 219 -18.91 -26.60 -13.59
CA LYS D 219 -19.83 -26.56 -14.74
C LYS D 219 -19.99 -27.92 -15.42
N SER D 220 -20.28 -28.94 -14.62
CA SER D 220 -20.46 -30.30 -15.13
C SER D 220 -21.88 -30.76 -14.84
N SER D 221 -22.64 -31.09 -15.90
CA SER D 221 -24.01 -31.53 -15.74
C SER D 221 -24.16 -33.05 -15.64
N TYR D 222 -23.11 -33.81 -15.97
CA TYR D 222 -23.20 -35.26 -15.87
C TYR D 222 -21.79 -35.83 -15.86
N TYR D 223 -21.69 -37.05 -15.35
CA TYR D 223 -20.51 -37.86 -15.60
C TYR D 223 -20.95 -39.29 -15.91
N MET D 224 -20.09 -39.98 -16.64
CA MET D 224 -20.39 -41.29 -17.17
C MET D 224 -19.57 -42.37 -16.49
N ILE D 225 -20.16 -43.55 -16.37
CA ILE D 225 -19.44 -44.78 -16.05
C ILE D 225 -19.77 -45.75 -17.19
N GLY D 226 -18.87 -45.84 -18.16
CA GLY D 226 -19.16 -46.61 -19.36
C GLY D 226 -20.33 -46.03 -20.14
N GLU D 227 -21.45 -46.76 -20.10
CA GLU D 227 -22.71 -46.36 -20.74
C GLU D 227 -23.67 -45.73 -19.74
N GLN D 228 -23.32 -45.68 -18.46
CA GLN D 228 -24.18 -45.15 -17.43
C GLN D 228 -23.89 -43.67 -17.21
N LYS D 229 -24.95 -42.84 -17.30
CA LYS D 229 -24.83 -41.40 -17.16
C LYS D 229 -25.39 -40.99 -15.81
N PHE D 230 -24.59 -40.29 -15.01
CA PHE D 230 -24.99 -39.80 -13.69
C PHE D 230 -25.13 -38.30 -13.70
N SER D 231 -26.00 -37.81 -12.81
CA SER D 231 -26.28 -36.40 -12.71
C SER D 231 -25.19 -35.69 -11.92
N SER D 232 -24.92 -34.44 -12.30
CA SER D 232 -23.98 -33.60 -11.57
C SER D 232 -24.56 -32.19 -11.47
N LEU D 233 -24.33 -31.56 -10.33
CA LEU D 233 -24.66 -30.15 -10.20
C LEU D 233 -23.68 -29.32 -11.01
N PRO D 234 -24.07 -28.76 -12.14
CA PRO D 234 -23.16 -27.88 -12.88
C PRO D 234 -23.01 -26.55 -12.16
N LEU D 235 -21.89 -26.37 -11.46
CA LEU D 235 -21.57 -25.18 -10.70
C LEU D 235 -20.47 -24.36 -11.36
N GLY D 236 -20.57 -23.04 -11.24
CA GLY D 236 -19.48 -22.16 -11.56
C GLY D 236 -18.67 -21.81 -10.32
N ARG D 237 -17.50 -21.22 -10.54
CA ARG D 237 -16.68 -20.75 -9.42
C ARG D 237 -17.50 -19.91 -8.45
N GLU D 238 -18.33 -19.00 -8.97
CA GLU D 238 -19.00 -18.04 -8.11
C GLU D 238 -20.06 -18.71 -7.24
N ALA D 239 -20.75 -19.71 -7.78
CA ALA D 239 -21.75 -20.42 -7.00
C ALA D 239 -21.13 -21.11 -5.79
N VAL D 240 -19.98 -21.75 -5.98
CA VAL D 240 -19.36 -22.49 -4.87
C VAL D 240 -18.93 -21.51 -3.78
N GLU D 241 -18.31 -20.41 -4.18
CA GLU D 241 -17.92 -19.37 -3.24
C GLU D 241 -19.11 -18.92 -2.39
N ALA D 242 -20.28 -18.81 -3.01
CA ALA D 242 -21.47 -18.42 -2.25
C ALA D 242 -21.99 -19.57 -1.40
N ALA D 243 -22.03 -20.79 -1.95
CA ALA D 243 -22.51 -21.93 -1.19
C ALA D 243 -21.73 -22.13 0.09
N VAL D 244 -20.40 -22.02 0.04
CA VAL D 244 -19.57 -22.41 1.19
C VAL D 244 -19.64 -21.37 2.30
N LYS D 245 -19.52 -20.08 1.94
CA LYS D 245 -19.48 -19.03 2.95
C LYS D 245 -20.80 -18.91 3.67
N GLU D 246 -21.91 -19.05 2.93
CA GLU D 246 -23.23 -19.01 3.52
C GLU D 246 -23.55 -20.31 4.24
N ALA D 247 -22.79 -21.37 3.97
CA ALA D 247 -22.86 -22.54 4.82
C ALA D 247 -22.18 -22.27 6.16
N GLY D 248 -21.47 -21.15 6.27
CA GLY D 248 -20.84 -20.79 7.52
C GLY D 248 -19.35 -21.05 7.54
N TYR D 249 -18.69 -20.87 6.41
CA TYR D 249 -17.24 -21.00 6.34
C TYR D 249 -16.63 -19.70 5.86
N THR D 250 -15.33 -19.56 6.10
CA THR D 250 -14.51 -18.54 5.48
C THR D 250 -13.44 -19.25 4.65
N ILE D 251 -13.23 -18.79 3.42
CA ILE D 251 -12.38 -19.50 2.45
C ILE D 251 -10.96 -18.97 2.56
N GLU D 252 -10.04 -19.85 2.94
CA GLU D 252 -8.63 -19.47 3.06
C GLU D 252 -7.87 -19.62 1.75
N TRP D 253 -8.22 -20.59 0.92
CA TRP D 253 -7.56 -20.73 -0.37
C TRP D 253 -8.53 -21.42 -1.32
N PHE D 254 -8.59 -20.87 -2.53
CA PHE D 254 -9.51 -21.34 -3.56
C PHE D 254 -8.76 -21.32 -4.88
N GLU D 255 -8.67 -22.48 -5.52
CA GLU D 255 -7.93 -22.66 -6.74
C GLU D 255 -8.84 -23.32 -7.78
N VAL D 256 -8.62 -22.98 -9.03
CA VAL D 256 -9.38 -23.55 -10.13
C VAL D 256 -8.42 -23.82 -11.27
N ILE D 257 -8.52 -25.01 -11.86
CA ILE D 257 -7.67 -25.41 -12.96
C ILE D 257 -8.56 -25.60 -14.18
N SER D 258 -8.05 -25.22 -15.37
CA SER D 258 -8.86 -25.32 -16.57
C SER D 258 -9.02 -26.76 -17.05
N GLN D 259 -7.97 -27.58 -16.91
CA GLN D 259 -7.98 -28.90 -17.53
C GLN D 259 -9.19 -29.73 -17.08
N SER D 260 -9.77 -30.47 -18.03
CA SER D 260 -11.04 -31.14 -17.85
C SER D 260 -10.96 -32.64 -18.11
N TYR D 261 -11.97 -33.36 -17.62
CA TYR D 261 -12.15 -34.75 -17.97
C TYR D 261 -12.41 -34.90 -19.46
N SER D 262 -12.04 -36.07 -19.97
CA SER D 262 -12.21 -36.37 -21.39
C SER D 262 -13.67 -36.30 -21.80
N SER D 263 -13.88 -35.86 -23.04
CA SER D 263 -15.21 -35.54 -23.54
C SER D 263 -16.18 -36.71 -23.41
N THR D 264 -15.67 -37.94 -23.43
CA THR D 264 -16.53 -39.11 -23.30
C THR D 264 -17.09 -39.30 -21.90
N MET D 265 -16.43 -38.78 -20.87
CA MET D 265 -16.74 -39.18 -19.49
C MET D 265 -17.43 -38.11 -18.65
N ALA D 266 -17.03 -36.85 -18.76
CA ALA D 266 -17.71 -35.78 -18.06
C ALA D 266 -17.52 -34.50 -18.83
N ASN D 267 -18.55 -33.64 -18.76
CA ASN D 267 -18.56 -32.36 -19.45
C ASN D 267 -18.17 -31.21 -18.52
N ASN D 268 -17.22 -31.45 -17.62
CA ASN D 268 -16.75 -30.36 -16.80
C ASN D 268 -15.91 -29.37 -17.61
N GLU D 269 -15.85 -28.15 -17.11
CA GLU D 269 -14.88 -27.16 -17.55
C GLU D 269 -13.95 -26.91 -16.37
N GLY D 270 -13.09 -27.88 -16.12
CA GLY D 270 -12.14 -27.80 -15.02
C GLY D 270 -12.64 -28.37 -13.71
N LEU D 271 -11.79 -28.18 -12.70
CA LEU D 271 -12.04 -28.58 -11.33
C LEU D 271 -11.83 -27.37 -10.43
N PHE D 272 -12.34 -27.45 -9.20
CA PHE D 272 -12.00 -26.46 -8.20
C PHE D 272 -11.47 -27.18 -6.98
N SER D 273 -10.71 -26.45 -6.17
CA SER D 273 -10.12 -26.99 -4.95
C SER D 273 -10.05 -25.84 -3.95
N LEU D 274 -10.64 -26.04 -2.77
CA LEU D 274 -10.68 -24.97 -1.79
C LEU D 274 -10.39 -25.56 -0.41
N VAL D 275 -9.91 -24.70 0.48
CA VAL D 275 -9.73 -25.03 1.89
C VAL D 275 -10.36 -23.92 2.70
N ALA D 276 -11.36 -24.27 3.49
CA ALA D 276 -12.07 -23.32 4.31
C ALA D 276 -12.10 -23.86 5.74
N ARG D 277 -12.39 -22.97 6.67
CA ARG D 277 -12.47 -23.31 8.07
C ARG D 277 -13.80 -22.79 8.59
N LYS D 278 -14.44 -23.62 9.41
CA LYS D 278 -15.72 -23.30 10.02
C LYS D 278 -15.67 -22.03 10.87
N LEU D 279 -16.67 -21.17 10.70
CA LEU D 279 -16.80 -19.96 11.53
C LEU D 279 -17.41 -20.37 12.88
C28 P0V E . 19.87 11.17 23.53
C29 P0V E . 20.65 11.57 24.64
C30 P0V E . 20.20 12.58 25.47
C27 P0V E . 18.65 11.77 23.27
C26 P0V E . 17.86 11.29 22.04
C19 P0V E . 16.23 13.12 18.70
C14 P0V E . 16.69 8.51 14.49
C15 P0V E . 17.37 9.65 17.67
C13 P0V E . 16.33 9.65 15.34
C12 P0V E . 17.50 9.98 16.20
C6 P0V E . 20.97 6.56 11.72
C4 P0V E . 19.86 8.53 11.15
N3 P0V E . 19.15 8.53 12.27
C2 P0V E . 19.31 7.54 13.17
C1 P0V E . 20.26 6.51 12.89
N9 P0V E . 18.87 7.16 14.25
C8 P0V E . 19.28 6.16 14.82
C10 P0V E . 17.90 7.88 15.01
C18 P0V E . 16.20 11.86 17.82
C20 P0V E . 16.23 14.45 17.97
C24 P0V E . 16.43 10.39 19.85
C25 P0V E . 17.24 10.89 21.08
C31 P0V E . 18.97 13.19 25.22
C32 P0V E . 18.19 12.80 24.11
C33 P0V E . 21.98 10.85 24.84
C36 P0V E . 15.87 15.45 19.16
N16 P0V E . 17.04 10.83 18.54
N17 P0V E . 21.95 5.51 11.47
N21 P0V E . 15.59 14.88 16.76
N34 P0V E . 22.95 10.96 23.74
N5 P0V E . 20.77 7.56 10.88
N7 P0V E . 20.18 5.63 14.03
O11 P0V E . 18.63 9.09 15.69
O22 P0V E . 15.17 9.43 16.19
O23 P0V E . 15.70 7.45 14.59
O35 P0V E . 22.22 10.21 25.82
O37 P0V E . 16.56 16.45 19.48
O38 P0V E . 14.86 15.32 19.92
H281 P0V E . 20.18 10.50 22.98
H301 P0V E . 20.71 12.85 26.20
H192 P0V E . 17.01 13.08 19.22
H191 P0V E . 15.48 13.10 19.26
H141 P0V E . 16.79 8.85 13.63
H152 P0V E . 18.19 9.29 17.96
H151 P0V E . 16.70 9.01 17.77
H131 P0V E . 16.12 10.34 14.76
H121 P0V E . 17.62 10.91 16.13
H41 P0V E . 19.74 9.22 10.55
H81 P0V E . 18.81 5.70 15.49
H101 P0V E . 17.56 7.15 15.49
H182 P0V E . 15.32 11.54 17.70
H181 P0V E . 16.57 12.03 16.97
H201 P0V E . 17.04 14.38 17.48
H242 P0V E . 15.56 10.72 19.91
H241 P0V E . 16.41 9.45 19.87
H311 P0V E . 18.66 13.87 25.77
H321 P0V E . 17.38 13.20 23.93
H172 P0V E . 21.72 4.74 11.14
H171 P0V E . 22.79 5.65 11.69
H212 P0V E . 14.88 15.37 16.70
H341 P0V E . 23.72 10.56 23.79
H342 P0V E . 22.74 11.42 23.04
H221 P0V E . 14.85 10.18 16.40
H231 P0V E . 15.33 7.52 15.34
C28 P0V F . 3.55 -4.90 -3.77
C29 P0V F . 2.32 -5.10 -3.11
C30 P0V F . 2.30 -5.71 -1.87
C27 P0V F . 4.74 -5.25 -3.16
C26 P0V F . 6.08 -4.98 -3.88
C19 P0V F . 8.89 -7.46 -6.00
C14 P0V F . 10.73 -2.49 -9.93
C15 P0V F . 8.70 -3.86 -7.49
C13 P0V F . 10.69 -3.52 -8.88
C12 P0V F . 9.32 -4.12 -8.83
C6 P0V F . 8.52 -1.25 -14.59
C4 P0V F . 9.50 -3.34 -14.17
N3 P0V F . 9.54 -3.12 -12.86
C2 P0V F . 9.07 -1.96 -12.37
C1 P0V F . 8.54 -0.97 -13.24
N9 P0V F . 8.96 -1.41 -11.29
C8 P0V F . 8.46 -0.30 -11.15
C10 P0V F . 9.34 -2.09 -10.11
C18 P0V F . 9.53 -6.19 -6.67
C20 P0V F . 9.35 -8.89 -6.29
C24 P0V F . 8.48 -4.49 -5.20
C25 P0V F . 7.13 -4.77 -4.46
C31 P0V F . 3.50 -6.08 -1.25
C32 P0V F . 4.72 -5.84 -1.90
C33 P0V F . 0.98 -4.71 -3.77
C36 P0V F . 9.46 -9.58 -4.84
N16 P0V F . 8.50 -5.07 -6.58
N17 P0V F . 7.96 -0.30 -15.52
N21 P0V F . 10.56 -8.97 -7.11
N34 P0V F . 0.42 -5.45 -4.89
N5 P0V F . 8.99 -2.43 -15.01
N7 P0V F . 8.15 0.10 -12.37
O11 P0V F . 8.56 -3.43 -9.93
O22 P0V F . 11.11 -2.85 -7.66
O23 P0V F . 11.34 -1.25 -9.50
O35 P0V F . 0.46 -3.68 -3.41
O37 P0V F . 8.93 -10.70 -4.65
O38 P0V F . 9.92 -9.11 -3.74
H281 P0V F . 3.55 -4.53 -4.63
H301 P0V F . 1.48 -5.88 -1.44
H192 P0V F . 7.98 -7.43 -6.22
H191 P0V F . 8.98 -7.34 -5.07
H141 P0V F . 11.19 -2.87 -10.66
H152 P0V F . 7.86 -3.48 -7.63
H151 P0V F . 9.25 -3.26 -7.03
H131 P0V F . 11.25 -4.25 -9.06
H121 P0V F . 9.33 -5.05 -8.95
H41 P0V F . 9.82 -4.15 -14.49
H81 P0V F . 8.58 0.25 -10.41
H101 P0V F . 9.15 -1.41 -9.48
H182 P0V F . 10.31 -5.95 -6.22
H181 P0V F . 9.74 -6.37 -7.57
H201 P0V F . 8.75 -9.36 -6.84
H242 P0V F . 9.18 -4.89 -4.69
H241 P0V F . 8.61 -3.57 -5.24
H311 P0V F . 3.49 -6.49 -0.41
H321 P0V F . 5.52 -6.09 -1.49
H172 P0V F . 8.36 0.46 -15.68
H171 P0V F . 7.21 -0.48 -15.91
H212 P0V F . 10.76 -9.78 -7.40
H341 P0V F . -0.33 -5.19 -5.23
H342 P0V F . 0.79 -6.18 -5.16
H221 P0V F . 11.33 -3.43 -7.10
H231 P0V F . 12.08 -1.43 -9.19
C28 P0V G . -6.24 29.82 -11.53
C29 P0V G . -6.13 28.73 -12.43
C30 P0V G . -6.80 28.78 -13.64
C27 P0V G . -7.08 30.88 -11.83
C26 P0V G . -7.25 32.04 -10.85
C19 P0V G . -10.46 33.44 -8.47
C14 P0V G . -6.90 35.58 -3.57
C15 P0V G . -7.09 33.99 -6.68
C13 P0V G . -7.65 35.58 -4.85
C12 P0V G . -7.69 34.17 -5.32
C6 P0V G . -5.38 33.13 0.78
C4 P0V G . -7.45 34.12 0.40
N3 P0V G . -7.18 34.32 -0.88
C2 P0V G . -6.00 33.93 -1.40
C1 P0V G . -5.05 33.31 -0.55
N9 P0V G . -5.41 33.93 -2.48
C8 P0V G . -4.27 33.47 -2.62
C10 P0V G . -5.99 34.45 -3.67
C18 P0V G . -9.45 34.17 -7.56
C20 P0V G . -11.87 33.57 -7.91
C24 P0V G . -7.56 34.12 -9.08
C25 P0V G . -7.38 32.95 -10.08
C31 P0V G . -7.63 29.85 -13.95
C32 P0V G . -7.77 30.90 -13.04
C33 P0V G . -5.18 27.57 -12.10
C36 P0V G . -12.82 32.94 -8.98
N16 P0V G . -8.07 33.61 -7.76
N17 P0V G . -4.43 32.49 1.67
N21 P0V G . -12.21 34.95 -7.65
N34 P0V G . -5.29 26.89 -10.79
N5 P0V G . -6.57 33.54 1.22
N7 P0V G . -3.93 33.03 -1.41
O11 P0V G . -6.87 33.37 -4.36
O22 P0V G . -7.04 36.50 -5.77
O23 P0V G . -6.05 36.75 -3.41
O35 P0V G . -4.45 27.14 -12.93
O37 P0V G . -14.00 32.62 -8.74
O38 P0V G . -12.47 32.69 -10.17
H281 P0V G . -5.73 29.83 -10.74
H301 P0V G . -6.69 28.09 -14.26
H192 P0V G . -10.23 32.52 -8.51
H191 P0V G . -10.43 33.80 -9.33
H141 P0V G . -7.52 35.55 -2.86
H152 P0V G . -6.44 33.32 -6.62
H151 P0V G . -6.68 34.79 -6.93
H131 P0V G . -8.54 35.86 -4.73
H121 P0V G . -8.60 33.92 -5.35
H41 P0V G . -8.28 34.40 0.73
H81 P0V G . -3.68 33.68 -3.30
H101 P0V G . -5.22 34.73 -4.14
H182 P0V G . -9.44 35.10 -7.78
H181 P0V G . -9.70 34.08 -6.66
H201 P0V G . -11.94 33.13 -7.08
H242 P0V G . -8.16 34.74 -9.44
H241 P0V G . -6.72 34.54 -8.94
H311 P0V G . -8.10 29.87 -14.75
H321 P0V G . -8.33 31.63 -13.23
H172 P0V G . -3.94 32.97 2.20
H171 P0V G . -4.35 31.63 1.66
H212 P0V G . -11.90 35.47 -8.26
H341 P0V G . -5.84 27.19 -10.19
H342 P0V G . -4.78 26.23 -10.60
H221 P0V G . -7.64 36.87 -6.22
H231 P0V G . -5.79 37.01 -4.14
C28 P0V H . -18.14 -36.57 -10.78
C29 P0V H . -17.65 -35.70 -11.79
C30 P0V H . -16.46 -35.97 -12.45
C27 P0V H . -17.41 -37.72 -10.47
C26 P0V H . -17.72 -38.84 -9.46
C19 P0V H . -16.06 -39.87 -5.76
C14 P0V H . -21.38 -42.35 -2.77
C15 P0V H . -19.69 -41.05 -5.62
C13 P0V H . -20.11 -42.51 -3.49
C12 P0V H . -19.77 -41.22 -4.13
C6 P0V H . -24.74 -38.83 -0.65
C4 P0V H . -22.76 -39.63 0.30
N3 P0V H . -22.42 -40.27 -0.81
C2 P0V H . -23.22 -40.21 -1.88
C1 P0V H . -24.43 -39.48 -1.84
N9 P0V H . -23.24 -40.65 -3.01
C8 P0V H . -24.16 -40.41 -3.81
C10 P0V H . -22.18 -41.42 -3.51
C18 P0V H . -17.15 -40.87 -5.34
C20 P0V H . -14.91 -39.57 -4.80
C24 P0V H . -18.28 -40.82 -7.60
C25 P0V H . -17.96 -39.70 -8.65
C31 P0V H . -15.74 -37.11 -12.15
C32 P0V H . -16.22 -37.98 -11.16
C33 P0V H . -18.34 -34.39 -12.22
C36 P0V H . -13.74 -39.25 -5.84
N16 P0V H . -18.39 -40.49 -6.14
N17 P0V H . -25.96 -38.05 -0.54
N21 P0V H . -14.40 -40.49 -3.81
N34 P0V H . -18.47 -33.32 -11.23
N5 P0V H . -23.90 -38.93 0.38
N7 P0V H . -25.01 -39.65 -3.15
O11 P0V H . -21.03 -40.39 -3.85
O22 P0V H . -20.06 -43.46 -4.59
O23 P0V H . -22.04 -43.62 -2.77
O35 P0V H . -18.78 -34.27 -13.33
O37 P0V H . -12.64 -38.72 -5.57
O38 P0V H . -13.76 -39.56 -7.09
H281 P0V H . -18.93 -36.37 -10.32
H301 P0V H . -16.15 -35.37 -13.09
H192 P0V H . -16.50 -39.06 -5.94
H191 P0V H . -15.68 -40.21 -6.55
H141 P0V H . -21.24 -42.04 -1.90
H152 P0V H . -20.38 -40.48 -5.89
H151 P0V H . -19.81 -41.90 -6.02
H131 P0V H . -19.53 -42.81 -2.82
H121 P0V H . -18.91 -41.03 -3.79
H41 P0V H . -22.20 -39.68 1.04
H81 P0V H . -24.36 -40.91 -4.57
H101 P0V H . -22.66 -41.94 -4.13
H182 P0V H . -16.88 -41.75 -5.54
H181 P0V H . -17.32 -40.81 -4.42
H201 P0V H . -15.25 -38.93 -4.20
H242 P0V H . -17.60 -41.47 -7.68
H241 P0V H . -19.10 -41.20 -7.85
H311 P0V H . -14.95 -37.30 -12.59
H321 P0V H . -15.74 -38.75 -10.96
H172 P0V H . -26.72 -38.43 -0.46
H171 P0V H . -25.89 -37.19 -0.58
H212 P0V H . -14.19 -41.26 -4.09
H341 P0V H . -18.84 -32.57 -11.46
H342 P0V H . -18.14 -33.43 -10.45
H221 P0V H . -19.31 -43.40 -4.97
H231 P0V H . -21.80 -44.04 -3.43
#